data_3OAW
#
_entry.id   3OAW
#
_cell.length_a   142.753
_cell.length_b   67.662
_cell.length_c   106.031
_cell.angle_alpha   90.00
_cell.angle_beta   95.83
_cell.angle_gamma   90.00
#
_symmetry.space_group_name_H-M   'C 1 2 1'
#
loop_
_entity.id
_entity.type
_entity.pdbx_description
1 polymer 'Phosphatidylinositol-4,5-bisphosphate 3-kinase catalytic subunit gamma isoform'
2 non-polymer 2-amino-4-methyl-8-(1-methylethyl)-6-(1H-pyrazol-4-yl)pteridin-7(8H)-one
3 water water
#
_entity_poly.entity_id   1
_entity_poly.type   'polypeptide(L)'
_entity_poly.pdbx_seq_one_letter_code
;MSEESQAFQRQLTALIGYDVTDVSNVHDDELEFTRRGLVTPRMAEVASRDPKLYAMHPWVTSKPLPEYLWKKIANNCIFI
VIHRSTTSQTIKVSPDDTPGAILQSFFTKMAKKKSLMDIPESQSEQDFVLRVCGRDEYLVGETPIKNFQWVRHCLKNGEE
IHVVLDTPPDPALDEVRKEEWPLVDDCTGVTGYHEQLTIHGKDHESVFTVSLWDCDRKFRVKIRGIDIPVLPRNTDLTVF
VEANIQHGQQVLCQRRTSPKPFTEEVLWNVWLEFSIKIKDLPKGALLNLQIYCGKAPALSSKASAESPSSESKGKVQLLY
YVNLLLIDHRFLLRRGEYVLHMWQISGKGEDQGSFNADKLTSATNPDKENSMSISILLDNYCHPIALPKHQPTPDPEGDR
VRAEMPNQLRKQLEAIIATDPLNPLTAEDKELLWHFRYESLKHPKAYPKLFSSVKWGQQEIVAKTYQLLARREVWDQSAL
DVGLTMQLLDCNFSDENVRAIAVQKLESLEDDDVLHYLLQLVQAVKFEPYHDSALARFLLKRGLRNKRIGHFLFWFLRSE
IAQSRHYQQRFAVILEAYLRGCGTAMLHDFTQQVQVIEMLQKVTLDIKSLSAEKYDVSSQVISQLKQKLENLQNSQLPES
FRVPYDPGLKAGALAIEKCKVMASKKKPLWLEFKCADPTALSNETIGIIFKHGDDLRQDMLILQILRIMESIWETESLDL
CLLPYGCISTGDKIGMIEIVKDATTIAKIQQSTVGNTGAFKDEVLNHWLKEKSPTEEKFQAAVERFVYSCAGYCVATFVL
GIGDRHNDNIMITETGNLFHIDFGHILGNYKSFLGINKERVPFVLTPDFLFVMGTSGKKTSPHFQKFQDICVKAYLALRH
HTNLLIILFSMMLMTGMPQLTSKEDIEYIRDALTVGKNEEDAKKYFLDQIEVCRDKGWTVQFNWFLHLVLGIKQGEKHSA
HHHHHH
;
_entity_poly.pdbx_strand_id   A
#
loop_
_chem_comp.id
_chem_comp.type
_chem_comp.name
_chem_comp.formula
OAW non-polymer 2-amino-4-methyl-8-(1-methylethyl)-6-(1H-pyrazol-4-yl)pteridin-7(8H)-one 'C13 H15 N7 O'
#
# COMPACT_ATOMS: atom_id res chain seq x y z
N SER A 2 -37.53 8.29 5.91
CA SER A 2 -37.40 6.84 6.05
C SER A 2 -36.51 6.49 7.25
N GLU A 3 -37.11 5.91 8.33
CA GLU A 3 -36.33 5.54 9.52
C GLU A 3 -35.38 4.37 9.29
N GLU A 4 -35.80 3.33 8.52
CA GLU A 4 -34.93 2.18 8.20
C GLU A 4 -33.71 2.61 7.37
N SER A 5 -33.77 3.82 6.77
CA SER A 5 -32.68 4.43 6.01
C SER A 5 -31.77 5.19 6.96
N GLN A 6 -32.37 5.80 8.02
CA GLN A 6 -31.65 6.57 9.04
C GLN A 6 -30.85 5.67 9.98
N ALA A 7 -31.39 4.49 10.36
CA ALA A 7 -30.71 3.53 11.23
C ALA A 7 -29.49 2.93 10.52
N PHE A 8 -29.62 2.74 9.20
CA PHE A 8 -28.61 2.22 8.28
C PHE A 8 -27.40 3.15 8.20
N GLN A 9 -27.63 4.47 8.34
CA GLN A 9 -26.56 5.48 8.34
C GLN A 9 -25.69 5.34 9.59
N ARG A 10 -26.31 4.95 10.73
CA ARG A 10 -25.61 4.76 12.00
C ARG A 10 -24.71 3.51 11.95
N GLN A 11 -25.09 2.53 11.10
CA GLN A 11 -24.33 1.30 10.85
C GLN A 11 -23.15 1.66 9.93
N LEU A 12 -23.41 2.41 8.84
CA LEU A 12 -22.36 2.87 7.93
C LEU A 12 -21.32 3.67 8.75
N THR A 13 -21.79 4.63 9.57
CA THR A 13 -20.94 5.42 10.44
C THR A 13 -20.09 4.54 11.37
N ALA A 14 -20.61 3.37 11.79
CA ALA A 14 -19.91 2.41 12.67
C ALA A 14 -18.84 1.62 11.89
N LEU A 15 -19.16 1.25 10.65
CA LEU A 15 -18.27 0.52 9.78
C LEU A 15 -17.13 1.39 9.25
N ILE A 16 -17.41 2.70 9.01
CA ILE A 16 -16.48 3.71 8.47
C ILE A 16 -15.51 4.21 9.54
N GLY A 17 -16.04 4.47 10.74
CA GLY A 17 -15.28 4.95 11.88
C GLY A 17 -15.25 6.46 11.94
N TYR A 18 -16.13 7.10 11.14
CA TYR A 18 -16.27 8.55 11.03
C TYR A 18 -17.64 8.87 10.43
N ASP A 19 -18.29 9.91 10.99
CA ASP A 19 -19.60 10.40 10.54
C ASP A 19 -19.51 11.35 9.32
N VAL A 20 -19.86 10.81 8.13
CA VAL A 20 -19.86 11.44 6.82
C VAL A 20 -20.88 12.56 6.63
N THR A 21 -21.73 12.79 7.63
CA THR A 21 -22.75 13.85 7.55
C THR A 21 -22.22 15.06 8.30
N ASP A 22 -21.41 14.83 9.38
CA ASP A 22 -20.75 15.81 10.24
C ASP A 22 -20.16 17.02 9.47
N VAL A 23 -20.91 18.14 9.43
CA VAL A 23 -20.56 19.38 8.72
C VAL A 23 -19.74 20.40 9.58
N SER A 24 -19.36 20.03 10.81
CA SER A 24 -18.54 20.93 11.63
C SER A 24 -17.14 21.30 11.02
N ASN A 25 -16.54 20.42 10.18
CA ASN A 25 -15.22 20.66 9.60
C ASN A 25 -15.19 20.96 8.10
N VAL A 26 -16.31 21.48 7.53
CA VAL A 26 -16.34 21.82 6.12
C VAL A 26 -16.56 23.34 5.82
N HIS A 27 -15.91 23.87 4.76
CA HIS A 27 -16.04 25.29 4.32
C HIS A 27 -16.67 25.39 2.92
N ASP A 28 -17.34 24.30 2.47
CA ASP A 28 -18.04 24.15 1.18
C ASP A 28 -18.73 22.79 1.09
N ASP A 29 -19.49 22.57 0.03
CA ASP A 29 -20.21 21.32 -0.18
C ASP A 29 -19.48 20.33 -1.11
N GLU A 30 -18.12 20.25 -1.02
CA GLU A 30 -17.37 19.33 -1.91
C GLU A 30 -17.66 17.87 -1.55
N LEU A 31 -17.62 17.54 -0.24
CA LEU A 31 -17.91 16.22 0.28
C LEU A 31 -19.37 15.80 -0.05
N GLU A 32 -20.34 16.73 0.08
CA GLU A 32 -21.72 16.44 -0.29
C GLU A 32 -21.81 16.24 -1.79
N PHE A 33 -21.19 17.13 -2.55
CA PHE A 33 -21.17 17.07 -4.00
C PHE A 33 -20.55 15.73 -4.51
N THR A 34 -19.52 15.21 -3.78
CA THR A 34 -18.83 13.95 -4.09
C THR A 34 -19.71 12.74 -3.62
N ARG A 35 -20.30 12.80 -2.40
CA ARG A 35 -21.23 11.75 -1.93
C ARG A 35 -22.29 11.57 -2.99
N ARG A 36 -22.89 12.71 -3.45
CA ARG A 36 -23.90 12.71 -4.50
C ARG A 36 -23.34 12.31 -5.85
N GLY A 37 -22.15 12.82 -6.17
CA GLY A 37 -21.45 12.58 -7.43
C GLY A 37 -21.12 11.13 -7.72
N LEU A 38 -20.92 10.33 -6.66
CA LEU A 38 -20.55 8.93 -6.76
C LEU A 38 -21.73 7.96 -6.89
N VAL A 39 -23.00 8.45 -6.65
CA VAL A 39 -24.23 7.64 -6.72
C VAL A 39 -24.35 6.89 -8.06
N THR A 40 -23.97 7.56 -9.17
CA THR A 40 -24.00 6.98 -10.51
C THR A 40 -22.99 5.86 -10.72
N PRO A 41 -21.64 6.05 -10.57
CA PRO A 41 -20.71 4.93 -10.78
C PRO A 41 -21.05 3.72 -9.90
N ARG A 42 -21.51 3.97 -8.65
CA ARG A 42 -21.95 2.93 -7.72
C ARG A 42 -23.17 2.16 -8.29
N MET A 43 -24.26 2.88 -8.70
CA MET A 43 -25.46 2.25 -9.28
C MET A 43 -25.15 1.57 -10.64
N ALA A 44 -24.24 2.14 -11.44
CA ALA A 44 -23.87 1.56 -12.73
C ALA A 44 -23.04 0.26 -12.62
N GLU A 45 -22.24 0.09 -11.53
CA GLU A 45 -21.42 -1.12 -11.34
C GLU A 45 -22.22 -2.27 -10.70
N VAL A 46 -23.06 -1.95 -9.67
CA VAL A 46 -23.99 -2.87 -9.02
C VAL A 46 -24.94 -3.50 -10.09
N ALA A 47 -25.44 -2.67 -11.02
CA ALA A 47 -26.34 -3.10 -12.08
C ALA A 47 -25.62 -3.85 -13.16
N SER A 48 -24.37 -3.50 -13.45
CA SER A 48 -23.64 -4.18 -14.52
C SER A 48 -23.07 -5.53 -14.11
N ARG A 49 -22.77 -5.73 -12.81
CA ARG A 49 -22.17 -6.98 -12.34
C ARG A 49 -23.01 -8.27 -12.46
N ASP A 50 -22.37 -9.39 -12.87
CA ASP A 50 -22.95 -10.73 -12.98
C ASP A 50 -23.13 -11.25 -11.55
N PRO A 51 -24.39 -11.45 -11.05
CA PRO A 51 -24.58 -11.86 -9.65
C PRO A 51 -23.92 -13.16 -9.21
N LYS A 52 -23.79 -14.15 -10.12
CA LYS A 52 -23.17 -15.46 -9.85
C LYS A 52 -21.66 -15.35 -9.64
N LEU A 53 -20.96 -14.69 -10.61
CA LEU A 53 -19.51 -14.45 -10.53
C LEU A 53 -19.16 -13.56 -9.35
N TYR A 54 -20.01 -12.56 -9.05
CA TYR A 54 -19.83 -11.70 -7.90
C TYR A 54 -20.05 -12.46 -6.60
N ALA A 55 -21.01 -13.40 -6.60
CA ALA A 55 -21.36 -14.18 -5.41
C ALA A 55 -20.21 -15.05 -4.95
N MET A 56 -19.45 -15.61 -5.92
CA MET A 56 -18.36 -16.56 -5.69
C MET A 56 -16.94 -16.08 -5.90
N HIS A 57 -16.76 -14.82 -6.33
CA HIS A 57 -15.46 -14.18 -6.50
C HIS A 57 -14.33 -15.10 -7.00
N PRO A 58 -14.46 -15.80 -8.16
CA PRO A 58 -13.35 -16.67 -8.59
C PRO A 58 -12.02 -15.88 -8.63
N TRP A 59 -10.94 -16.45 -8.04
CA TRP A 59 -9.64 -15.77 -8.01
C TRP A 59 -8.72 -16.34 -9.09
N VAL A 60 -8.66 -15.62 -10.20
CA VAL A 60 -8.00 -15.97 -11.46
C VAL A 60 -6.92 -14.97 -11.89
N THR A 61 -5.91 -15.49 -12.59
CA THR A 61 -4.81 -14.77 -13.21
C THR A 61 -4.72 -15.12 -14.71
N SER A 62 -4.28 -14.17 -15.55
CA SER A 62 -4.09 -14.34 -17.00
C SER A 62 -2.63 -14.64 -17.29
N LYS A 63 -1.74 -14.38 -16.32
CA LYS A 63 -0.29 -14.55 -16.41
C LYS A 63 0.09 -15.99 -16.79
N PRO A 64 1.15 -16.20 -17.61
CA PRO A 64 1.51 -17.59 -17.99
C PRO A 64 1.99 -18.37 -16.78
N LEU A 65 1.52 -19.63 -16.64
CA LEU A 65 1.92 -20.48 -15.52
C LEU A 65 3.46 -20.54 -15.54
N PRO A 66 4.17 -20.08 -14.48
CA PRO A 66 5.65 -20.06 -14.53
C PRO A 66 6.31 -21.43 -14.74
N GLU A 67 7.62 -21.43 -15.09
CA GLU A 67 8.38 -22.65 -15.33
C GLU A 67 8.52 -23.51 -14.09
N TYR A 68 8.93 -22.93 -12.94
CA TYR A 68 9.08 -23.66 -11.67
C TYR A 68 7.79 -24.35 -11.20
N LEU A 69 6.63 -23.93 -11.74
CA LEU A 69 5.33 -24.54 -11.43
C LEU A 69 5.00 -25.62 -12.48
N TRP A 70 5.50 -25.48 -13.73
CA TRP A 70 5.34 -26.44 -14.83
C TRP A 70 6.13 -27.72 -14.57
N LYS A 71 7.37 -27.58 -14.07
CA LYS A 71 8.26 -28.70 -13.74
C LYS A 71 7.70 -29.58 -12.61
N LYS A 72 6.90 -28.98 -11.70
CA LYS A 72 6.28 -29.68 -10.58
C LYS A 72 5.07 -30.56 -11.00
N ILE A 73 4.72 -30.54 -12.30
CA ILE A 73 3.64 -31.35 -12.86
C ILE A 73 4.08 -32.81 -13.00
N ALA A 74 3.10 -33.74 -12.94
CA ALA A 74 3.34 -35.18 -13.12
C ALA A 74 3.81 -35.37 -14.58
N ASN A 75 2.89 -35.12 -15.54
CA ASN A 75 3.09 -35.14 -17.00
C ASN A 75 1.77 -34.65 -17.63
N ASN A 76 1.62 -33.30 -17.77
CA ASN A 76 0.41 -32.63 -18.29
C ASN A 76 -0.83 -33.13 -17.52
N CYS A 77 -0.65 -33.40 -16.21
CA CYS A 77 -1.67 -33.96 -15.33
C CYS A 77 -1.62 -33.40 -13.92
N ILE A 78 -2.79 -33.01 -13.39
CA ILE A 78 -2.97 -32.47 -12.05
C ILE A 78 -3.92 -33.35 -11.26
N PHE A 79 -3.53 -33.65 -10.01
CA PHE A 79 -4.35 -34.44 -9.12
C PHE A 79 -5.20 -33.55 -8.22
N ILE A 80 -6.51 -33.62 -8.46
CA ILE A 80 -7.56 -32.90 -7.75
C ILE A 80 -8.36 -33.95 -6.94
N VAL A 81 -8.45 -33.74 -5.62
CA VAL A 81 -9.14 -34.63 -4.69
C VAL A 81 -10.52 -34.07 -4.35
N ILE A 82 -11.56 -34.54 -5.05
CA ILE A 82 -12.94 -34.11 -4.80
C ILE A 82 -13.47 -34.81 -3.54
N HIS A 83 -14.05 -34.01 -2.63
CA HIS A 83 -14.61 -34.47 -1.35
C HIS A 83 -16.14 -34.32 -1.39
N ARG A 84 -16.83 -34.72 -0.31
CA ARG A 84 -18.27 -34.62 -0.18
C ARG A 84 -18.70 -34.70 1.29
N SER A 85 -18.68 -35.91 1.90
CA SER A 85 -19.07 -36.10 3.30
C SER A 85 -17.92 -36.75 4.08
N THR A 86 -17.54 -37.96 3.67
CA THR A 86 -16.44 -38.78 4.20
C THR A 86 -15.84 -39.57 3.02
N THR A 87 -16.31 -39.26 1.79
CA THR A 87 -15.88 -39.85 0.52
C THR A 87 -14.91 -38.89 -0.18
N SER A 88 -13.80 -39.42 -0.71
CA SER A 88 -12.77 -38.59 -1.36
C SER A 88 -12.15 -39.24 -2.61
N GLN A 89 -12.69 -38.92 -3.81
CA GLN A 89 -12.17 -39.46 -5.06
C GLN A 89 -11.24 -38.52 -5.85
N THR A 90 -9.95 -38.91 -5.93
CA THR A 90 -8.89 -38.19 -6.64
C THR A 90 -9.07 -38.37 -8.15
N ILE A 91 -8.99 -37.28 -8.94
CA ILE A 91 -9.12 -37.32 -10.41
C ILE A 91 -7.92 -36.66 -11.09
N LYS A 92 -7.41 -37.29 -12.17
CA LYS A 92 -6.33 -36.78 -13.02
C LYS A 92 -7.00 -35.75 -13.96
N VAL A 93 -6.53 -34.50 -13.94
CA VAL A 93 -7.08 -33.43 -14.79
C VAL A 93 -5.97 -32.62 -15.46
N SER A 94 -6.08 -32.40 -16.79
CA SER A 94 -5.10 -31.63 -17.58
C SER A 94 -5.13 -30.15 -17.14
N PRO A 95 -3.95 -29.50 -16.94
CA PRO A 95 -3.94 -28.08 -16.49
C PRO A 95 -4.88 -27.16 -17.27
N ASP A 96 -5.08 -27.45 -18.57
CA ASP A 96 -5.92 -26.69 -19.49
C ASP A 96 -7.44 -26.93 -19.30
N ASP A 97 -7.85 -27.86 -18.39
CA ASP A 97 -9.27 -28.21 -18.15
C ASP A 97 -10.10 -27.21 -17.33
N THR A 98 -11.24 -26.77 -17.91
CA THR A 98 -12.23 -25.85 -17.30
C THR A 98 -12.93 -26.50 -16.08
N PRO A 99 -13.27 -25.74 -14.99
CA PRO A 99 -13.94 -26.37 -13.82
C PRO A 99 -15.37 -26.87 -14.08
N GLY A 100 -15.98 -26.45 -15.18
CA GLY A 100 -17.31 -26.89 -15.60
C GLY A 100 -17.24 -28.30 -16.15
N ALA A 101 -16.15 -28.59 -16.90
CA ALA A 101 -15.85 -29.90 -17.49
C ALA A 101 -15.32 -30.87 -16.43
N ILE A 102 -14.84 -30.35 -15.30
CA ILE A 102 -14.35 -31.15 -14.17
C ILE A 102 -15.57 -31.73 -13.39
N LEU A 103 -16.79 -31.29 -13.75
CA LEU A 103 -18.07 -31.80 -13.24
C LEU A 103 -18.57 -32.85 -14.24
N GLN A 104 -18.32 -32.61 -15.56
CA GLN A 104 -18.64 -33.50 -16.68
C GLN A 104 -17.73 -34.74 -16.64
N SER A 105 -16.61 -34.64 -15.90
CA SER A 105 -15.66 -35.72 -15.66
C SER A 105 -15.86 -36.21 -14.21
N PHE A 106 -17.13 -36.18 -13.76
CA PHE A 106 -17.58 -36.60 -12.43
C PHE A 106 -19.04 -37.09 -12.47
N PHE A 107 -19.83 -36.55 -13.42
CA PHE A 107 -21.23 -36.91 -13.63
C PHE A 107 -21.40 -37.89 -14.80
N THR A 108 -20.33 -38.05 -15.63
CA THR A 108 -20.29 -38.96 -16.77
C THR A 108 -19.17 -40.00 -16.55
N LYS A 109 -18.07 -39.62 -15.85
CA LYS A 109 -16.95 -40.52 -15.55
C LYS A 109 -17.34 -41.55 -14.47
N MET A 110 -18.29 -41.19 -13.59
CA MET A 110 -18.81 -42.06 -12.54
C MET A 110 -20.28 -41.77 -12.18
N ASP A 127 -25.39 -26.67 -11.74
CA ASP A 127 -26.11 -27.42 -10.71
C ASP A 127 -25.34 -27.43 -9.37
N PHE A 128 -24.05 -27.88 -9.39
CA PHE A 128 -23.17 -27.96 -8.21
C PHE A 128 -21.82 -27.25 -8.44
N VAL A 129 -21.31 -26.56 -7.40
CA VAL A 129 -20.06 -25.78 -7.43
C VAL A 129 -18.86 -26.44 -6.70
N LEU A 130 -17.63 -26.22 -7.23
CA LEU A 130 -16.38 -26.72 -6.63
C LEU A 130 -15.73 -25.67 -5.74
N ARG A 131 -15.87 -25.82 -4.42
CA ARG A 131 -15.30 -24.92 -3.42
C ARG A 131 -14.06 -25.58 -2.81
N VAL A 132 -13.05 -24.78 -2.46
CA VAL A 132 -11.83 -25.27 -1.83
C VAL A 132 -12.20 -25.72 -0.40
N CYS A 133 -11.49 -26.72 0.14
CA CYS A 133 -11.76 -27.24 1.47
C CYS A 133 -11.23 -26.27 2.50
N GLY A 134 -12.13 -25.85 3.41
CA GLY A 134 -11.83 -24.96 4.53
C GLY A 134 -11.83 -23.47 4.23
N ARG A 135 -11.98 -23.12 2.95
CA ARG A 135 -11.96 -21.74 2.49
C ARG A 135 -13.24 -21.34 1.79
N ASP A 136 -13.54 -20.03 1.81
CA ASP A 136 -14.62 -19.42 1.05
C ASP A 136 -13.95 -19.05 -0.27
N GLU A 137 -13.57 -20.08 -1.03
CA GLU A 137 -12.87 -19.99 -2.31
C GLU A 137 -13.43 -21.05 -3.23
N TYR A 138 -14.03 -20.61 -4.33
CA TYR A 138 -14.75 -21.41 -5.31
C TYR A 138 -13.99 -21.39 -6.63
N LEU A 139 -13.97 -22.55 -7.33
CA LEU A 139 -13.33 -22.71 -8.64
C LEU A 139 -14.42 -22.71 -9.73
N VAL A 140 -14.78 -21.50 -10.17
CA VAL A 140 -15.86 -21.26 -11.14
C VAL A 140 -15.45 -20.45 -12.36
N GLY A 141 -16.29 -20.47 -13.38
CA GLY A 141 -16.13 -19.73 -14.63
C GLY A 141 -15.20 -20.38 -15.64
N GLU A 142 -15.36 -19.98 -16.91
CA GLU A 142 -14.55 -20.49 -18.03
C GLU A 142 -13.12 -19.99 -17.93
N THR A 143 -12.29 -20.76 -17.19
CA THR A 143 -10.85 -20.52 -16.97
C THR A 143 -10.13 -21.86 -16.75
N PRO A 144 -8.96 -22.14 -17.36
CA PRO A 144 -8.28 -23.43 -17.07
C PRO A 144 -7.85 -23.47 -15.60
N ILE A 145 -8.01 -24.62 -14.93
CA ILE A 145 -7.63 -24.78 -13.52
C ILE A 145 -6.23 -24.29 -13.15
N LYS A 146 -5.25 -24.36 -14.09
CA LYS A 146 -3.89 -23.85 -13.90
C LYS A 146 -3.92 -22.32 -13.63
N ASN A 147 -4.98 -21.62 -14.12
CA ASN A 147 -5.20 -20.19 -13.99
C ASN A 147 -5.87 -19.78 -12.66
N PHE A 148 -6.20 -20.75 -11.79
CA PHE A 148 -6.75 -20.44 -10.48
C PHE A 148 -5.59 -20.23 -9.51
N GLN A 149 -5.67 -19.15 -8.73
CA GLN A 149 -4.63 -18.74 -7.80
C GLN A 149 -4.35 -19.70 -6.66
N TRP A 150 -5.37 -20.44 -6.21
CA TRP A 150 -5.22 -21.44 -5.16
C TRP A 150 -4.48 -22.64 -5.71
N VAL A 151 -4.80 -22.99 -6.97
CA VAL A 151 -4.17 -24.10 -7.68
C VAL A 151 -2.66 -23.84 -7.77
N ARG A 152 -2.28 -22.61 -8.18
CA ARG A 152 -0.90 -22.19 -8.32
C ARG A 152 -0.22 -22.17 -6.96
N HIS A 153 -0.98 -21.81 -5.90
CA HIS A 153 -0.49 -21.76 -4.51
C HIS A 153 -0.21 -23.17 -4.02
N CYS A 154 -1.07 -24.12 -4.40
CA CYS A 154 -0.96 -25.53 -4.05
C CYS A 154 0.29 -26.16 -4.68
N LEU A 155 0.58 -25.86 -5.96
CA LEU A 155 1.75 -26.38 -6.68
C LEU A 155 3.05 -25.93 -6.02
N LYS A 156 3.16 -24.61 -5.69
CA LYS A 156 4.32 -23.99 -5.07
C LYS A 156 4.72 -24.63 -3.74
N ASN A 157 3.77 -24.72 -2.81
CA ASN A 157 4.01 -25.29 -1.48
C ASN A 157 3.91 -26.83 -1.46
N GLY A 158 3.73 -27.44 -2.64
CA GLY A 158 3.62 -28.89 -2.80
C GLY A 158 2.49 -29.50 -1.99
N GLU A 159 1.40 -28.75 -1.82
CA GLU A 159 0.20 -29.16 -1.09
C GLU A 159 -0.73 -29.84 -2.10
N GLU A 160 -1.72 -30.59 -1.60
CA GLU A 160 -2.68 -31.31 -2.45
C GLU A 160 -3.94 -30.46 -2.72
N ILE A 161 -4.43 -30.49 -3.97
CA ILE A 161 -5.59 -29.71 -4.42
C ILE A 161 -6.93 -30.30 -3.91
N HIS A 162 -7.36 -29.85 -2.71
CA HIS A 162 -8.58 -30.34 -2.06
C HIS A 162 -9.83 -29.50 -2.29
N VAL A 163 -10.82 -30.12 -2.94
CA VAL A 163 -12.10 -29.51 -3.31
C VAL A 163 -13.28 -30.26 -2.69
N VAL A 164 -14.21 -29.53 -2.06
CA VAL A 164 -15.43 -30.08 -1.47
C VAL A 164 -16.64 -29.58 -2.28
N LEU A 165 -17.31 -30.52 -2.97
CA LEU A 165 -18.47 -30.25 -3.82
C LEU A 165 -19.68 -29.79 -2.99
N ASP A 166 -20.25 -28.62 -3.38
CA ASP A 166 -21.44 -28.02 -2.74
C ASP A 166 -22.28 -27.12 -3.66
N THR A 167 -23.28 -26.43 -3.08
CA THR A 167 -24.27 -25.58 -3.74
C THR A 167 -23.78 -24.12 -3.94
N PRO A 168 -24.05 -23.48 -5.11
CA PRO A 168 -23.63 -22.08 -5.30
C PRO A 168 -24.34 -21.12 -4.34
N PRO A 169 -23.61 -20.15 -3.72
CA PRO A 169 -24.28 -19.20 -2.81
C PRO A 169 -25.33 -18.37 -3.55
N ASP A 170 -26.42 -18.01 -2.85
CA ASP A 170 -27.54 -17.26 -3.40
C ASP A 170 -27.13 -15.83 -3.79
N PRO A 171 -27.14 -15.48 -5.10
CA PRO A 171 -26.74 -14.12 -5.52
C PRO A 171 -27.69 -13.03 -5.08
N ALA A 172 -28.76 -13.43 -4.38
CA ALA A 172 -29.79 -12.57 -3.81
C ALA A 172 -29.41 -12.19 -2.38
N LEU A 173 -28.21 -12.61 -1.93
CA LEU A 173 -27.70 -12.25 -0.60
C LEU A 173 -26.77 -11.03 -0.73
N ASP A 174 -26.30 -10.77 -1.97
CA ASP A 174 -25.48 -9.62 -2.36
C ASP A 174 -26.43 -8.47 -2.74
N GLU A 175 -27.69 -8.59 -2.30
CA GLU A 175 -28.78 -7.67 -2.57
C GLU A 175 -28.44 -6.30 -2.03
N VAL A 176 -28.59 -5.29 -2.87
CA VAL A 176 -28.32 -3.89 -2.51
C VAL A 176 -29.64 -3.16 -2.15
N ARG A 177 -29.67 -2.45 -0.99
CA ARG A 177 -30.87 -1.74 -0.55
C ARG A 177 -31.29 -0.55 -1.44
N LYS A 178 -32.62 -0.32 -1.51
CA LYS A 178 -33.32 0.72 -2.28
C LYS A 178 -32.67 2.09 -2.21
N GLU A 179 -32.63 2.81 -3.35
CA GLU A 179 -32.03 4.14 -3.47
C GLU A 179 -32.92 5.08 -4.29
N SER A 211 -16.97 34.34 -16.76
CA SER A 211 -15.83 33.64 -17.36
C SER A 211 -14.48 34.04 -16.78
N LEU A 212 -13.73 33.01 -16.34
CA LEU A 212 -12.39 33.09 -15.75
C LEU A 212 -11.37 33.63 -16.77
N TRP A 213 -11.43 33.11 -18.01
CA TRP A 213 -10.53 33.42 -19.11
C TRP A 213 -10.58 34.86 -19.66
N ASP A 214 -11.59 35.64 -19.23
CA ASP A 214 -11.78 37.00 -19.68
C ASP A 214 -11.36 38.09 -18.68
N CYS A 215 -11.19 37.75 -17.39
CA CYS A 215 -10.72 38.74 -16.42
C CYS A 215 -9.18 38.74 -16.28
N ASP A 216 -8.54 39.76 -16.88
CA ASP A 216 -7.09 39.97 -16.95
C ASP A 216 -6.43 40.62 -15.73
N ARG A 217 -7.15 40.73 -14.62
CA ARG A 217 -6.57 41.33 -13.42
C ARG A 217 -5.71 40.36 -12.64
N LYS A 218 -4.68 40.89 -11.98
CA LYS A 218 -3.79 40.13 -11.13
C LYS A 218 -4.57 39.62 -9.91
N PHE A 219 -4.41 38.32 -9.59
CA PHE A 219 -5.09 37.70 -8.44
C PHE A 219 -4.60 38.30 -7.12
N ARG A 220 -5.52 38.39 -6.14
CA ARG A 220 -5.22 38.92 -4.82
C ARG A 220 -6.01 38.26 -3.70
N VAL A 221 -5.39 38.23 -2.51
CA VAL A 221 -5.95 37.68 -1.29
C VAL A 221 -5.72 38.64 -0.12
N LYS A 222 -6.79 38.90 0.63
CA LYS A 222 -6.74 39.76 1.80
C LYS A 222 -6.48 38.90 3.01
N ILE A 223 -5.34 39.12 3.66
CA ILE A 223 -4.96 38.43 4.91
C ILE A 223 -5.34 39.36 6.07
N ARG A 224 -6.49 39.09 6.72
CA ARG A 224 -7.03 39.82 7.88
C ARG A 224 -6.15 39.58 9.13
N GLY A 225 -5.85 38.32 9.41
CA GLY A 225 -5.01 37.97 10.56
C GLY A 225 -5.09 36.52 11.01
N ILE A 226 -4.35 36.20 12.07
CA ILE A 226 -4.25 34.84 12.64
C ILE A 226 -4.48 34.80 14.14
N ASP A 227 -5.05 33.69 14.67
CA ASP A 227 -5.25 33.53 16.12
C ASP A 227 -4.98 32.15 16.72
N ILE A 228 -4.14 32.10 17.78
CA ILE A 228 -3.78 30.89 18.54
C ILE A 228 -4.20 31.07 20.02
N PRO A 229 -5.09 30.21 20.58
CA PRO A 229 -5.55 30.41 21.98
C PRO A 229 -4.50 30.35 23.10
N VAL A 230 -3.31 29.75 22.84
CA VAL A 230 -2.24 29.62 23.83
C VAL A 230 -0.85 30.00 23.26
N LEU A 231 0.14 30.23 24.13
CA LEU A 231 1.52 30.55 23.73
C LEU A 231 2.53 29.97 24.73
N LEU A 237 7.61 36.52 20.20
CA LEU A 237 8.38 36.32 18.97
C LEU A 237 7.91 37.25 17.80
N THR A 238 8.37 36.96 16.56
CA THR A 238 7.98 37.65 15.33
C THR A 238 7.16 36.65 14.46
N VAL A 239 6.21 37.13 13.63
CA VAL A 239 5.32 36.24 12.86
C VAL A 239 4.86 36.77 11.48
N PHE A 240 5.00 35.93 10.43
CA PHE A 240 4.54 36.28 9.08
C PHE A 240 3.80 35.14 8.36
N VAL A 241 2.77 35.52 7.61
CA VAL A 241 1.92 34.68 6.79
C VAL A 241 2.54 34.66 5.40
N GLU A 242 2.80 33.45 4.88
CA GLU A 242 3.34 33.22 3.55
C GLU A 242 2.24 32.57 2.73
N ALA A 243 1.83 33.23 1.66
CA ALA A 243 0.80 32.71 0.78
C ALA A 243 1.45 32.25 -0.53
N ASN A 244 1.11 31.03 -0.99
CA ASN A 244 1.70 30.46 -2.22
C ASN A 244 0.66 29.95 -3.19
N ILE A 245 0.83 30.25 -4.47
CA ILE A 245 -0.06 29.71 -5.49
C ILE A 245 0.60 28.48 -6.11
N GLN A 246 0.22 27.29 -5.61
CA GLN A 246 0.77 25.99 -5.97
C GLN A 246 -0.07 25.18 -6.92
N HIS A 247 0.58 24.56 -7.91
CA HIS A 247 -0.03 23.64 -8.85
C HIS A 247 0.88 22.42 -8.91
N GLY A 248 0.57 21.45 -8.05
CA GLY A 248 1.28 20.18 -7.90
C GLY A 248 2.78 20.34 -7.72
N GLN A 249 3.22 20.81 -6.52
CA GLN A 249 4.64 21.00 -6.21
C GLN A 249 5.30 22.19 -6.91
N GLN A 250 4.63 22.76 -7.94
CA GLN A 250 5.05 23.94 -8.72
C GLN A 250 4.48 25.18 -8.00
N VAL A 251 5.34 26.11 -7.56
CA VAL A 251 4.93 27.36 -6.89
C VAL A 251 4.89 28.44 -7.97
N LEU A 252 3.69 28.76 -8.47
CA LEU A 252 3.46 29.76 -9.51
C LEU A 252 3.80 31.18 -9.08
N CYS A 253 3.37 31.57 -7.85
CA CYS A 253 3.63 32.88 -7.26
C CYS A 253 3.81 32.79 -5.75
N GLN A 254 4.54 33.77 -5.17
CA GLN A 254 4.82 33.84 -3.74
C GLN A 254 4.75 35.27 -3.19
N ARG A 255 3.93 35.44 -2.13
CA ARG A 255 3.75 36.68 -1.38
C ARG A 255 3.91 36.40 0.11
N ARG A 256 4.29 37.44 0.86
CA ARG A 256 4.51 37.39 2.29
C ARG A 256 3.88 38.61 2.95
N THR A 257 3.56 38.52 4.25
CA THR A 257 3.09 39.66 5.00
C THR A 257 4.32 40.25 5.66
N SER A 258 4.16 41.41 6.32
CA SER A 258 5.21 42.06 7.08
C SER A 258 5.30 41.33 8.43
N PRO A 259 6.52 41.13 8.99
CA PRO A 259 6.61 40.43 10.29
C PRO A 259 6.11 41.30 11.46
N LYS A 260 5.06 40.82 12.10
CA LYS A 260 4.39 41.46 13.22
C LYS A 260 4.81 40.77 14.53
N PRO A 261 4.62 41.37 15.74
CA PRO A 261 4.96 40.63 16.97
C PRO A 261 4.04 39.44 17.19
N PHE A 262 4.57 38.35 17.79
CA PHE A 262 3.82 37.11 17.99
C PHE A 262 2.88 37.10 19.18
N THR A 263 1.59 37.43 18.92
CA THR A 263 0.53 37.49 19.93
C THR A 263 -0.64 36.56 19.58
N GLU A 264 -1.46 36.22 20.60
CA GLU A 264 -2.64 35.33 20.53
C GLU A 264 -3.61 35.75 19.41
N GLU A 265 -3.46 36.98 18.90
CA GLU A 265 -4.19 37.51 17.75
C GLU A 265 -3.29 38.52 17.07
N VAL A 266 -2.93 38.24 15.79
CA VAL A 266 -2.07 39.11 14.99
C VAL A 266 -2.86 39.48 13.74
N LEU A 267 -3.14 40.79 13.53
CA LEU A 267 -3.92 41.28 12.36
C LEU A 267 -3.07 42.10 11.38
N TRP A 268 -3.47 42.11 10.09
CA TRP A 268 -2.74 42.77 9.02
C TRP A 268 -3.64 43.63 8.14
N ASN A 269 -4.81 43.09 7.77
CA ASN A 269 -5.77 43.71 6.85
C ASN A 269 -5.14 44.07 5.48
N VAL A 270 -4.08 43.32 5.07
CA VAL A 270 -3.35 43.51 3.81
C VAL A 270 -4.03 42.81 2.65
N TRP A 271 -3.97 43.42 1.47
CA TRP A 271 -4.44 42.79 0.25
C TRP A 271 -3.16 42.34 -0.41
N LEU A 272 -2.91 41.02 -0.46
CA LEU A 272 -1.71 40.48 -1.09
C LEU A 272 -1.97 40.24 -2.55
N GLU A 273 -1.28 41.02 -3.42
CA GLU A 273 -1.47 40.86 -4.86
C GLU A 273 -0.42 39.93 -5.46
N PHE A 274 -0.86 38.95 -6.24
CA PHE A 274 0.04 37.99 -6.88
C PHE A 274 0.35 38.43 -8.30
N SER A 275 1.49 37.96 -8.87
CA SER A 275 1.89 38.33 -10.23
C SER A 275 1.02 37.65 -11.30
N ILE A 276 0.41 36.49 -10.97
CA ILE A 276 -0.47 35.76 -11.88
C ILE A 276 -1.83 36.44 -12.05
N LYS A 277 -2.34 36.46 -13.29
CA LYS A 277 -3.66 36.94 -13.64
C LYS A 277 -4.70 35.87 -13.28
N ILE A 278 -5.96 36.28 -13.02
CA ILE A 278 -7.08 35.40 -12.71
C ILE A 278 -7.29 34.36 -13.82
N LYS A 279 -7.05 34.77 -15.09
CA LYS A 279 -7.22 33.90 -16.26
C LYS A 279 -6.15 32.82 -16.39
N ASP A 280 -4.98 33.05 -15.78
CA ASP A 280 -3.84 32.15 -15.80
C ASP A 280 -3.89 31.06 -14.73
N LEU A 281 -4.86 31.17 -13.81
CA LEU A 281 -5.09 30.19 -12.76
C LEU A 281 -5.60 28.89 -13.36
N PRO A 282 -4.93 27.73 -13.08
CA PRO A 282 -5.41 26.45 -13.63
C PRO A 282 -6.32 25.67 -12.65
N LYS A 283 -7.30 24.86 -13.17
CA LYS A 283 -8.12 23.98 -12.30
C LYS A 283 -7.21 22.94 -11.63
N GLY A 284 -7.03 23.11 -10.32
CA GLY A 284 -6.16 22.27 -9.51
C GLY A 284 -5.25 23.10 -8.63
N ALA A 285 -5.20 24.43 -8.87
CA ALA A 285 -4.39 25.39 -8.12
C ALA A 285 -4.87 25.51 -6.68
N LEU A 286 -3.90 25.59 -5.77
CA LEU A 286 -4.04 25.71 -4.32
C LEU A 286 -3.63 27.07 -3.87
N LEU A 287 -4.18 27.51 -2.75
CA LEU A 287 -3.68 28.68 -2.08
C LEU A 287 -3.11 28.07 -0.81
N ASN A 288 -1.79 28.09 -0.69
CA ASN A 288 -1.13 27.51 0.47
C ASN A 288 -0.77 28.59 1.48
N LEU A 289 -1.40 28.56 2.67
CA LEU A 289 -1.11 29.57 3.69
C LEU A 289 -0.16 28.98 4.71
N GLN A 290 0.95 29.67 4.96
CA GLN A 290 1.96 29.16 5.89
C GLN A 290 2.42 30.17 6.96
N ILE A 291 2.61 29.72 8.20
CA ILE A 291 3.08 30.60 9.27
C ILE A 291 4.50 30.29 9.71
N TYR A 292 5.38 31.29 9.54
CA TYR A 292 6.78 31.26 9.96
C TYR A 292 6.93 32.19 11.17
N CYS A 293 7.95 31.95 12.02
CA CYS A 293 8.21 32.78 13.21
C CYS A 293 9.68 33.17 13.35
N VAL A 316 14.03 31.63 11.14
CA VAL A 316 12.83 31.32 10.36
C VAL A 316 12.48 29.81 10.42
N GLN A 317 11.26 29.49 10.93
CA GLN A 317 10.72 28.15 11.14
C GLN A 317 9.24 28.11 10.79
N LEU A 318 8.84 27.17 9.92
CA LEU A 318 7.42 27.01 9.61
C LEU A 318 6.73 26.33 10.81
N LEU A 319 5.49 26.80 11.16
CA LEU A 319 4.71 26.27 12.27
C LEU A 319 3.36 25.74 11.84
N TYR A 320 2.68 26.45 10.93
CA TYR A 320 1.34 26.03 10.55
C TYR A 320 1.13 26.12 9.08
N TYR A 321 0.18 25.31 8.56
CA TYR A 321 -0.20 25.35 7.16
C TYR A 321 -1.67 25.05 7.02
N VAL A 322 -2.21 25.49 5.90
CA VAL A 322 -3.58 25.24 5.46
C VAL A 322 -3.60 25.47 3.96
N ASN A 323 -4.49 24.77 3.25
CA ASN A 323 -4.66 24.88 1.81
C ASN A 323 -6.10 25.03 1.44
N LEU A 324 -6.33 25.75 0.37
CA LEU A 324 -7.64 26.00 -0.14
C LEU A 324 -7.51 25.95 -1.63
N LEU A 325 -8.40 25.20 -2.28
CA LEU A 325 -8.43 25.14 -3.74
C LEU A 325 -8.97 26.48 -4.25
N LEU A 326 -8.32 27.04 -5.27
CA LEU A 326 -8.72 28.33 -5.84
C LEU A 326 -9.92 28.18 -6.73
N ILE A 327 -9.98 27.10 -7.51
CA ILE A 327 -11.12 26.82 -8.35
C ILE A 327 -11.82 25.61 -7.69
N ASP A 328 -13.09 25.79 -7.34
CA ASP A 328 -13.91 24.77 -6.69
C ASP A 328 -14.37 23.63 -7.64
N HIS A 329 -15.00 22.59 -7.06
CA HIS A 329 -15.53 21.39 -7.71
C HIS A 329 -16.52 21.68 -8.84
N ARG A 330 -17.08 22.93 -8.87
CA ARG A 330 -18.08 23.38 -9.86
C ARG A 330 -17.49 24.26 -10.99
N PHE A 331 -16.16 24.48 -10.97
CA PHE A 331 -15.38 25.28 -11.91
C PHE A 331 -15.47 26.78 -11.61
N LEU A 332 -15.98 27.12 -10.41
CA LEU A 332 -16.12 28.49 -9.95
C LEU A 332 -14.86 28.95 -9.25
N LEU A 333 -14.43 30.20 -9.48
CA LEU A 333 -13.30 30.77 -8.76
C LEU A 333 -13.77 30.98 -7.32
N ARG A 334 -12.86 30.91 -6.36
CA ARG A 334 -13.22 31.07 -4.96
C ARG A 334 -13.45 32.52 -4.51
N ARG A 335 -14.62 32.79 -3.92
CA ARG A 335 -14.98 34.11 -3.39
C ARG A 335 -15.41 34.04 -1.92
N GLY A 336 -15.30 35.15 -1.22
CA GLY A 336 -15.78 35.24 0.15
C GLY A 336 -14.77 35.25 1.27
N GLU A 337 -15.31 35.10 2.49
CA GLU A 337 -14.61 35.05 3.79
C GLU A 337 -14.43 33.60 4.22
N TYR A 338 -13.19 33.26 4.66
CA TYR A 338 -12.86 31.93 5.12
C TYR A 338 -12.03 32.02 6.42
N VAL A 339 -12.37 31.20 7.41
CA VAL A 339 -11.61 31.09 8.65
C VAL A 339 -11.20 29.64 8.65
N LEU A 340 -9.96 29.41 8.21
CA LEU A 340 -9.44 28.08 8.05
C LEU A 340 -8.59 27.71 9.23
N HIS A 341 -8.97 26.64 9.93
CA HIS A 341 -8.18 26.14 11.03
C HIS A 341 -6.96 25.38 10.48
N MET A 342 -5.79 25.66 11.08
CA MET A 342 -4.51 25.17 10.61
C MET A 342 -3.88 23.94 11.21
N TRP A 343 -3.17 23.26 10.34
CA TRP A 343 -2.43 22.07 10.65
C TRP A 343 -1.05 22.53 11.13
N GLN A 344 -0.61 21.94 12.24
CA GLN A 344 0.65 22.21 12.89
C GLN A 344 1.74 21.40 12.20
N ILE A 345 3.00 21.56 12.63
CA ILE A 345 4.15 20.86 12.09
C ILE A 345 4.78 20.08 13.25
N SER A 346 4.95 18.75 13.08
CA SER A 346 5.57 17.88 14.10
C SER A 346 6.96 17.36 13.68
N GLY A 347 7.75 16.93 14.69
CA GLY A 347 9.10 16.39 14.51
C GLY A 347 10.18 17.11 15.28
N PHE A 355 7.16 18.10 2.49
CA PHE A 355 7.75 16.86 1.95
C PHE A 355 6.79 15.66 1.87
N ASN A 356 5.77 15.59 2.77
CA ASN A 356 4.78 14.51 2.76
C ASN A 356 3.37 14.91 2.30
N ALA A 357 2.52 13.90 1.94
CA ALA A 357 1.14 14.05 1.43
C ALA A 357 0.17 14.85 2.30
N ASP A 358 0.38 14.86 3.62
CA ASP A 358 -0.43 15.61 4.58
C ASP A 358 -0.30 17.12 4.43
N LYS A 359 0.84 17.61 3.88
CA LYS A 359 1.07 19.03 3.60
C LYS A 359 0.26 19.53 2.41
N LEU A 360 -0.37 18.61 1.67
CA LEU A 360 -1.13 18.89 0.47
C LEU A 360 -2.64 18.88 0.62
N THR A 361 -3.15 18.53 1.83
CA THR A 361 -4.58 18.41 2.10
C THR A 361 -5.45 19.66 1.94
N SER A 362 -6.66 19.47 1.38
CA SER A 362 -7.66 20.54 1.23
C SER A 362 -8.53 20.61 2.51
N ALA A 363 -8.45 19.57 3.37
CA ALA A 363 -9.15 19.47 4.63
C ALA A 363 -8.58 20.41 5.68
N THR A 364 -9.46 20.85 6.64
CA THR A 364 -9.04 21.74 7.70
C THR A 364 -8.91 21.00 9.02
N ASN A 365 -7.95 21.42 9.89
CA ASN A 365 -7.74 20.84 11.22
C ASN A 365 -9.08 20.78 12.03
N PRO A 366 -9.59 19.58 12.36
CA PRO A 366 -10.88 19.49 13.09
C PRO A 366 -10.87 20.06 14.51
N ASP A 367 -9.74 19.90 15.24
CA ASP A 367 -9.54 20.41 16.60
C ASP A 367 -9.59 21.96 16.58
N LYS A 368 -10.77 22.55 16.82
CA LYS A 368 -10.92 24.01 16.81
C LYS A 368 -10.36 24.70 18.07
N GLU A 369 -10.70 24.14 19.24
CA GLU A 369 -10.31 24.63 20.56
C GLU A 369 -8.81 24.93 20.76
N ASN A 370 -7.91 24.21 20.09
CA ASN A 370 -6.46 24.38 20.30
C ASN A 370 -5.64 24.81 19.07
N SER A 371 -6.25 24.76 17.87
CA SER A 371 -5.55 25.10 16.64
C SER A 371 -5.52 26.57 16.35
N MET A 372 -4.55 26.94 15.50
CA MET A 372 -4.32 28.26 14.96
C MET A 372 -5.21 28.40 13.74
N SER A 373 -5.88 29.54 13.57
CA SER A 373 -6.66 29.73 12.36
C SER A 373 -6.16 30.97 11.62
N ILE A 374 -6.55 31.11 10.37
CA ILE A 374 -6.20 32.24 9.52
C ILE A 374 -7.50 32.81 8.96
N SER A 375 -7.60 34.14 8.97
CA SER A 375 -8.75 34.87 8.49
C SER A 375 -8.36 35.57 7.21
N ILE A 376 -9.09 35.26 6.12
CA ILE A 376 -8.81 35.76 4.77
C ILE A 376 -10.10 36.14 4.04
N LEU A 377 -9.95 36.95 2.96
CA LEU A 377 -11.05 37.34 2.07
C LEU A 377 -10.63 37.27 0.60
N LEU A 378 -11.56 36.80 -0.25
CA LEU A 378 -11.39 36.72 -1.69
C LEU A 378 -12.57 37.46 -2.32
N ASP A 379 -12.31 38.60 -3.00
CA ASP A 379 -13.31 39.48 -3.62
C ASP A 379 -14.58 38.81 -4.20
N ASN A 380 -15.72 38.96 -3.47
CA ASN A 380 -17.04 38.40 -3.83
C ASN A 380 -17.75 39.31 -4.85
N TYR A 381 -16.96 39.86 -5.80
CA TYR A 381 -17.27 40.75 -6.93
C TYR A 381 -18.76 40.89 -7.35
N CYS A 382 -19.14 40.34 -8.53
CA CYS A 382 -20.51 40.38 -9.06
C CYS A 382 -21.44 39.25 -8.53
N HIS A 383 -20.96 37.97 -8.32
CA HIS A 383 -19.59 37.48 -8.51
C HIS A 383 -19.37 36.31 -9.47
N PRO A 384 -20.06 35.13 -9.32
CA PRO A 384 -19.76 33.96 -10.17
C PRO A 384 -18.87 34.04 -11.43
N ILE A 385 -17.55 33.77 -11.23
CA ILE A 385 -16.51 33.70 -12.29
C ILE A 385 -16.19 32.20 -12.51
N ALA A 386 -16.82 31.60 -13.53
CA ALA A 386 -16.66 30.19 -13.87
C ALA A 386 -15.61 29.93 -14.93
N LEU A 387 -14.93 28.77 -14.84
CA LEU A 387 -13.89 28.33 -15.77
C LEU A 387 -14.47 27.37 -16.82
N PRO A 388 -14.18 27.60 -18.13
CA PRO A 388 -14.70 26.70 -19.17
C PRO A 388 -14.07 25.30 -19.17
N ARG A 402 6.55 19.49 -34.52
CA ARG A 402 5.79 19.12 -35.71
C ARG A 402 6.71 18.75 -36.90
N ALA A 403 7.97 19.30 -36.92
CA ALA A 403 8.94 19.10 -37.99
C ALA A 403 10.11 18.11 -37.64
N GLU A 404 11.32 18.35 -38.24
CA GLU A 404 12.58 17.61 -38.10
C GLU A 404 13.31 17.97 -36.78
N MET A 405 14.54 17.44 -36.55
CA MET A 405 15.35 17.70 -35.35
C MET A 405 16.86 17.39 -35.53
N PRO A 406 17.76 18.33 -35.13
CA PRO A 406 19.22 18.05 -35.20
C PRO A 406 19.67 16.88 -34.32
N ASN A 407 20.65 16.12 -34.80
CA ASN A 407 21.23 14.94 -34.15
C ASN A 407 21.56 15.15 -32.67
N GLN A 408 22.31 16.20 -32.34
CA GLN A 408 22.68 16.48 -30.96
C GLN A 408 21.47 16.79 -30.05
N LEU A 409 20.41 17.43 -30.60
CA LEU A 409 19.19 17.74 -29.84
C LEU A 409 18.39 16.49 -29.58
N ARG A 410 18.25 15.63 -30.61
CA ARG A 410 17.56 14.35 -30.50
C ARG A 410 18.29 13.48 -29.49
N LYS A 411 19.64 13.52 -29.52
CA LYS A 411 20.47 12.78 -28.56
C LYS A 411 20.36 13.37 -27.16
N GLN A 412 20.05 14.67 -27.04
CA GLN A 412 19.83 15.36 -25.76
C GLN A 412 18.45 14.94 -25.20
N LEU A 413 17.41 14.95 -26.08
CA LEU A 413 16.04 14.57 -25.77
C LEU A 413 15.98 13.12 -25.32
N GLU A 414 16.62 12.21 -26.08
CA GLU A 414 16.68 10.77 -25.80
C GLU A 414 17.28 10.48 -24.45
N ALA A 415 18.36 11.22 -24.10
CA ALA A 415 19.04 11.10 -22.81
C ALA A 415 18.18 11.67 -21.67
N ILE A 416 17.22 12.58 -21.98
CA ILE A 416 16.27 13.17 -21.04
C ILE A 416 15.17 12.13 -20.81
N ILE A 417 14.53 11.65 -21.89
CA ILE A 417 13.42 10.68 -21.86
C ILE A 417 13.81 9.41 -21.09
N ALA A 418 15.05 8.91 -21.33
CA ALA A 418 15.58 7.68 -20.73
C ALA A 418 16.33 7.93 -19.41
N THR A 419 15.74 8.75 -18.56
CA THR A 419 16.30 9.09 -17.27
C THR A 419 15.30 8.62 -16.16
N ASP A 420 15.81 8.29 -14.97
CA ASP A 420 14.99 7.77 -13.88
C ASP A 420 13.91 8.76 -13.39
N PRO A 421 12.81 8.28 -12.76
CA PRO A 421 11.75 9.23 -12.33
C PRO A 421 12.18 10.32 -11.36
N LEU A 422 13.27 10.06 -10.60
CA LEU A 422 13.82 10.97 -9.59
C LEU A 422 14.90 11.93 -10.09
N ASN A 423 15.38 11.76 -11.32
CA ASN A 423 16.37 12.69 -11.81
C ASN A 423 15.69 14.04 -12.08
N PRO A 424 16.17 15.13 -11.44
CA PRO A 424 15.50 16.43 -11.63
C PRO A 424 15.75 16.98 -13.02
N LEU A 425 14.78 17.72 -13.53
CA LEU A 425 14.91 18.35 -14.84
C LEU A 425 15.30 19.79 -14.63
N THR A 426 16.26 20.22 -15.42
CA THR A 426 16.74 21.58 -15.41
C THR A 426 15.93 22.40 -16.43
N ALA A 427 15.89 23.74 -16.25
CA ALA A 427 15.20 24.67 -17.15
C ALA A 427 15.50 24.41 -18.63
N GLU A 428 16.76 24.01 -18.96
CA GLU A 428 17.20 23.68 -20.33
C GLU A 428 16.45 22.46 -20.84
N ASP A 429 16.43 21.36 -20.02
CA ASP A 429 15.74 20.09 -20.30
C ASP A 429 14.26 20.34 -20.55
N LYS A 430 13.63 21.15 -19.67
CA LYS A 430 12.21 21.46 -19.76
C LYS A 430 11.86 22.24 -21.02
N GLU A 431 12.71 23.21 -21.40
CA GLU A 431 12.51 24.02 -22.62
C GLU A 431 12.68 23.13 -23.86
N LEU A 432 13.58 22.13 -23.77
CA LEU A 432 13.88 21.18 -24.85
C LEU A 432 12.66 20.28 -25.08
N LEU A 433 12.19 19.57 -24.01
CA LEU A 433 11.03 18.68 -23.96
C LEU A 433 9.78 19.36 -24.53
N TRP A 434 9.52 20.61 -24.09
CA TRP A 434 8.35 21.38 -24.50
C TRP A 434 8.39 21.82 -25.97
N HIS A 435 9.55 22.29 -26.44
CA HIS A 435 9.71 22.70 -27.82
C HIS A 435 9.46 21.51 -28.73
N PHE A 436 10.10 20.36 -28.43
CA PHE A 436 9.96 19.08 -29.14
C PHE A 436 8.85 18.22 -28.50
N ARG A 437 7.71 18.84 -28.12
CA ARG A 437 6.59 18.13 -27.48
C ARG A 437 5.92 17.10 -28.38
N TYR A 438 5.77 17.38 -29.69
CA TYR A 438 5.14 16.42 -30.62
C TYR A 438 5.98 15.18 -30.90
N GLU A 439 7.29 15.28 -30.60
CA GLU A 439 8.28 14.21 -30.71
C GLU A 439 8.38 13.41 -29.41
N SER A 440 8.05 14.08 -28.30
CA SER A 440 8.05 13.55 -26.95
C SER A 440 6.81 12.67 -26.79
N LEU A 441 5.75 12.99 -27.55
CA LEU A 441 4.48 12.26 -27.49
C LEU A 441 4.56 10.82 -28.03
N LYS A 442 5.51 10.55 -28.93
CA LYS A 442 5.73 9.22 -29.52
C LYS A 442 6.39 8.27 -28.49
N HIS A 443 6.82 8.82 -27.36
CA HIS A 443 7.52 8.12 -26.30
C HIS A 443 6.73 8.16 -24.98
N PRO A 444 5.82 7.16 -24.71
CA PRO A 444 5.07 7.18 -23.44
C PRO A 444 5.94 7.37 -22.21
N LYS A 445 7.16 6.82 -22.21
CA LYS A 445 8.15 6.97 -21.14
C LYS A 445 8.43 8.47 -20.80
N ALA A 446 8.28 9.36 -21.80
CA ALA A 446 8.52 10.79 -21.70
C ALA A 446 7.43 11.56 -20.98
N TYR A 447 6.16 11.11 -21.06
CA TYR A 447 4.97 11.79 -20.51
C TYR A 447 5.15 12.47 -19.15
N PRO A 448 5.59 11.76 -18.09
CA PRO A 448 5.85 12.44 -16.79
C PRO A 448 6.85 13.61 -16.90
N LYS A 449 7.91 13.46 -17.71
CA LYS A 449 8.87 14.56 -17.88
C LYS A 449 8.28 15.66 -18.78
N LEU A 450 7.55 15.30 -19.85
CA LEU A 450 6.91 16.24 -20.77
C LEU A 450 5.87 17.07 -20.03
N PHE A 451 5.03 16.42 -19.20
CA PHE A 451 4.01 17.13 -18.44
C PHE A 451 4.52 18.01 -17.31
N SER A 452 5.74 17.76 -16.82
CA SER A 452 6.40 18.60 -15.79
C SER A 452 7.17 19.78 -16.44
N SER A 453 7.14 19.89 -17.77
CA SER A 453 7.78 20.96 -18.53
C SER A 453 6.76 22.05 -18.83
N VAL A 454 5.48 21.73 -18.63
CA VAL A 454 4.38 22.64 -18.88
C VAL A 454 4.36 23.74 -17.82
N LYS A 455 4.22 24.99 -18.25
CA LYS A 455 4.09 26.11 -17.33
C LYS A 455 2.59 26.26 -17.06
N TRP A 456 2.15 25.72 -15.92
CA TRP A 456 0.74 25.67 -15.54
C TRP A 456 0.10 27.02 -15.23
N GLY A 457 0.91 27.98 -14.77
CA GLY A 457 0.46 29.34 -14.52
C GLY A 457 0.27 30.19 -15.77
N GLN A 458 0.06 29.56 -16.95
CA GLN A 458 -0.16 30.22 -18.25
C GLN A 458 -1.27 29.52 -19.02
N GLN A 459 -2.41 30.21 -19.24
CA GLN A 459 -3.59 29.67 -19.90
C GLN A 459 -3.45 29.16 -21.32
N GLU A 460 -2.71 29.86 -22.21
CA GLU A 460 -2.49 29.45 -23.60
C GLU A 460 -1.60 28.21 -23.64
N ILE A 461 -0.64 28.12 -22.70
CA ILE A 461 0.26 26.99 -22.54
C ILE A 461 -0.54 25.73 -22.17
N VAL A 462 -1.39 25.85 -21.12
CA VAL A 462 -2.29 24.78 -20.64
C VAL A 462 -3.27 24.38 -21.76
N ALA A 463 -3.72 25.36 -22.57
CA ALA A 463 -4.60 25.14 -23.72
C ALA A 463 -3.89 24.31 -24.79
N LYS A 464 -2.58 24.55 -25.00
CA LYS A 464 -1.72 23.81 -25.95
C LYS A 464 -1.54 22.39 -25.47
N THR A 465 -1.40 22.22 -24.12
CA THR A 465 -1.26 20.92 -23.42
C THR A 465 -2.51 20.09 -23.64
N TYR A 466 -3.68 20.72 -23.77
CA TYR A 466 -4.93 20.00 -24.05
C TYR A 466 -4.97 19.57 -25.50
N GLN A 467 -4.43 20.40 -26.42
CA GLN A 467 -4.30 20.07 -27.84
C GLN A 467 -3.40 18.84 -27.95
N LEU A 468 -2.28 18.83 -27.19
CA LEU A 468 -1.30 17.74 -27.07
C LEU A 468 -1.97 16.43 -26.60
N LEU A 469 -2.96 16.51 -25.67
CA LEU A 469 -3.67 15.33 -25.15
C LEU A 469 -4.74 14.79 -26.08
N ALA A 470 -5.14 15.56 -27.09
CA ALA A 470 -6.09 15.11 -28.12
C ALA A 470 -5.37 14.28 -29.18
N ARG A 471 -4.02 14.27 -29.16
CA ARG A 471 -3.13 13.54 -30.08
C ARG A 471 -2.40 12.37 -29.35
N ARG A 472 -2.98 11.95 -28.22
CA ARG A 472 -2.55 10.91 -27.28
C ARG A 472 -2.28 9.50 -27.88
N GLU A 473 -2.94 9.15 -29.01
CA GLU A 473 -2.88 7.85 -29.72
C GLU A 473 -1.81 6.80 -29.30
N VAL A 474 -0.50 7.16 -29.38
CA VAL A 474 0.66 6.31 -29.04
C VAL A 474 0.53 5.77 -27.62
N TRP A 475 0.24 6.69 -26.67
CA TRP A 475 0.03 6.42 -25.25
C TRP A 475 -1.13 5.44 -25.09
N ASP A 476 -2.33 5.79 -25.63
CA ASP A 476 -3.55 4.98 -25.60
C ASP A 476 -3.33 3.58 -26.19
N GLN A 477 -2.57 3.49 -27.29
CA GLN A 477 -2.26 2.23 -27.96
C GLN A 477 -1.31 1.35 -27.14
N SER A 478 -0.21 1.93 -26.64
CA SER A 478 0.85 1.24 -25.89
C SER A 478 0.39 0.27 -24.79
N ALA A 479 1.21 -0.76 -24.57
CA ALA A 479 1.00 -1.77 -23.54
C ALA A 479 1.21 -1.09 -22.19
N LEU A 480 0.16 -1.07 -21.38
CA LEU A 480 0.09 -0.49 -20.04
C LEU A 480 1.35 -0.79 -19.23
N ASP A 481 1.98 0.28 -18.71
CA ASP A 481 3.13 0.23 -17.82
C ASP A 481 2.68 0.89 -16.50
N VAL A 482 2.60 0.10 -15.39
CA VAL A 482 2.17 0.54 -14.06
C VAL A 482 3.07 1.63 -13.49
N GLY A 483 4.38 1.41 -13.52
CA GLY A 483 5.36 2.39 -13.08
C GLY A 483 5.27 3.71 -13.81
N LEU A 484 4.81 3.70 -15.08
CA LEU A 484 4.66 4.90 -15.87
C LEU A 484 3.34 5.57 -15.47
N THR A 485 2.31 4.77 -15.25
CA THR A 485 0.97 5.17 -14.83
C THR A 485 1.02 5.86 -13.45
N MET A 486 1.76 5.26 -12.50
CA MET A 486 1.91 5.76 -11.14
C MET A 486 2.64 7.10 -11.07
N GLN A 487 3.59 7.32 -12.00
CA GLN A 487 4.32 8.57 -12.09
C GLN A 487 3.35 9.72 -12.34
N LEU A 488 2.29 9.48 -13.16
CA LEU A 488 1.27 10.47 -13.44
C LEU A 488 0.24 10.65 -12.30
N LEU A 489 0.29 9.78 -11.27
CA LEU A 489 -0.65 9.85 -10.14
C LEU A 489 0.00 10.45 -8.91
N ASP A 490 1.32 10.76 -8.99
CA ASP A 490 2.04 11.31 -7.85
C ASP A 490 1.72 12.76 -7.61
N CYS A 491 2.37 13.33 -6.60
CA CYS A 491 2.21 14.68 -6.11
C CYS A 491 2.58 15.75 -7.16
N ASN A 492 3.37 15.39 -8.19
CA ASN A 492 3.78 16.31 -9.26
C ASN A 492 2.71 16.60 -10.28
N PHE A 493 1.62 15.83 -10.28
CA PHE A 493 0.57 16.06 -11.25
C PHE A 493 -0.71 16.50 -10.53
N SER A 494 -1.22 17.66 -10.92
CA SER A 494 -2.39 18.29 -10.32
C SER A 494 -3.50 18.51 -11.38
N ASP A 495 -3.21 18.18 -12.65
CA ASP A 495 -4.18 18.32 -13.72
C ASP A 495 -4.98 17.05 -13.83
N GLU A 496 -6.32 17.18 -13.76
CA GLU A 496 -7.30 16.09 -13.88
C GLU A 496 -7.09 15.30 -15.16
N ASN A 497 -6.91 16.00 -16.27
CA ASN A 497 -6.76 15.42 -17.60
C ASN A 497 -5.50 14.60 -17.78
N VAL A 498 -4.40 15.00 -17.14
CA VAL A 498 -3.11 14.28 -17.19
C VAL A 498 -3.28 13.04 -16.29
N ARG A 499 -3.94 13.23 -15.16
CA ARG A 499 -4.19 12.19 -14.20
C ARG A 499 -5.14 11.15 -14.78
N ALA A 500 -6.22 11.59 -15.47
CA ALA A 500 -7.21 10.75 -16.17
C ALA A 500 -6.59 9.78 -17.22
N ILE A 501 -5.47 10.16 -17.85
CA ILE A 501 -4.83 9.29 -18.83
C ILE A 501 -4.14 8.12 -18.14
N ALA A 502 -3.80 8.30 -16.86
CA ALA A 502 -3.17 7.24 -16.10
C ALA A 502 -4.25 6.31 -15.60
N VAL A 503 -5.40 6.87 -15.17
CA VAL A 503 -6.56 6.12 -14.70
C VAL A 503 -7.15 5.32 -15.86
N GLN A 504 -7.04 5.85 -17.10
CA GLN A 504 -7.44 5.15 -18.32
C GLN A 504 -6.56 3.92 -18.52
N LYS A 505 -5.27 4.03 -18.24
CA LYS A 505 -4.32 2.93 -18.38
C LYS A 505 -4.58 1.80 -17.37
N LEU A 506 -5.07 2.17 -16.17
CA LEU A 506 -5.41 1.26 -15.08
C LEU A 506 -6.67 0.49 -15.37
N GLU A 507 -7.61 1.02 -16.18
CA GLU A 507 -8.89 0.34 -16.47
C GLU A 507 -8.65 -1.05 -17.08
N SER A 508 -7.58 -1.15 -17.89
CA SER A 508 -7.13 -2.37 -18.60
C SER A 508 -6.39 -3.40 -17.68
N LEU A 509 -6.37 -3.16 -16.35
CA LEU A 509 -5.75 -4.09 -15.41
C LEU A 509 -6.75 -5.19 -15.05
N GLU A 510 -6.29 -6.44 -15.00
CA GLU A 510 -7.13 -7.54 -14.52
C GLU A 510 -7.16 -7.41 -12.98
N ASP A 511 -8.07 -8.11 -12.29
CA ASP A 511 -8.20 -8.04 -10.84
C ASP A 511 -6.96 -8.44 -10.05
N ASP A 512 -6.27 -9.50 -10.47
CA ASP A 512 -5.04 -9.94 -9.81
C ASP A 512 -4.05 -8.79 -9.67
N ASP A 513 -3.91 -7.97 -10.74
CA ASP A 513 -3.04 -6.80 -10.84
C ASP A 513 -3.58 -5.68 -9.98
N VAL A 514 -4.90 -5.45 -9.98
CA VAL A 514 -5.51 -4.42 -9.12
C VAL A 514 -5.16 -4.70 -7.67
N LEU A 515 -5.22 -5.96 -7.25
CA LEU A 515 -4.83 -6.34 -5.90
C LEU A 515 -3.34 -6.10 -5.60
N HIS A 516 -2.47 -6.24 -6.61
CA HIS A 516 -1.04 -6.02 -6.44
C HIS A 516 -0.74 -4.55 -6.13
N TYR A 517 -1.44 -3.65 -6.81
CA TYR A 517 -1.20 -2.23 -6.68
C TYR A 517 -2.25 -1.47 -5.87
N LEU A 518 -3.26 -2.20 -5.29
CA LEU A 518 -4.36 -1.61 -4.52
C LEU A 518 -3.94 -0.72 -3.37
N LEU A 519 -3.10 -1.21 -2.45
CA LEU A 519 -2.63 -0.38 -1.34
C LEU A 519 -2.00 0.94 -1.79
N GLN A 520 -1.22 0.91 -2.85
CA GLN A 520 -0.58 2.13 -3.32
C GLN A 520 -1.50 3.01 -4.19
N LEU A 521 -2.52 2.42 -4.86
CA LEU A 521 -3.51 3.25 -5.61
C LEU A 521 -4.43 4.00 -4.59
N VAL A 522 -4.74 3.35 -3.43
CA VAL A 522 -5.50 3.94 -2.33
C VAL A 522 -4.67 5.09 -1.70
N GLN A 523 -3.36 4.86 -1.48
CA GLN A 523 -2.52 5.92 -0.92
C GLN A 523 -2.40 7.10 -1.90
N ALA A 524 -2.41 6.82 -3.23
CA ALA A 524 -2.34 7.80 -4.36
C ALA A 524 -3.51 8.78 -4.40
N VAL A 525 -4.63 8.47 -3.70
CA VAL A 525 -5.81 9.33 -3.60
C VAL A 525 -5.44 10.62 -2.83
N LYS A 526 -4.48 10.52 -1.89
CA LYS A 526 -4.01 11.66 -1.13
C LYS A 526 -3.35 12.76 -2.01
N PHE A 527 -3.09 12.47 -3.30
CA PHE A 527 -2.43 13.35 -4.26
C PHE A 527 -3.42 13.94 -5.21
N GLU A 528 -4.70 13.55 -5.09
CA GLU A 528 -5.74 14.08 -5.97
C GLU A 528 -6.14 15.50 -5.52
N PRO A 529 -6.18 16.47 -6.46
CA PRO A 529 -6.59 17.83 -6.07
C PRO A 529 -8.00 17.84 -5.48
N TYR A 530 -8.94 17.07 -6.09
CA TYR A 530 -10.34 17.00 -5.67
C TYR A 530 -10.75 15.64 -5.10
N HIS A 531 -11.76 15.65 -4.21
CA HIS A 531 -12.38 14.47 -3.56
C HIS A 531 -12.97 13.54 -4.60
N ASP A 532 -13.60 14.10 -5.63
CA ASP A 532 -14.16 13.29 -6.70
C ASP A 532 -13.18 13.30 -7.85
N SER A 533 -12.62 12.12 -8.13
CA SER A 533 -11.62 11.97 -9.18
C SER A 533 -11.82 10.69 -9.98
N ALA A 534 -11.15 10.61 -11.12
CA ALA A 534 -11.14 9.42 -11.95
C ALA A 534 -10.64 8.19 -11.12
N LEU A 535 -9.65 8.42 -10.19
CA LEU A 535 -9.00 7.41 -9.33
C LEU A 535 -9.92 6.91 -8.26
N ALA A 536 -10.61 7.81 -7.55
CA ALA A 536 -11.62 7.49 -6.54
C ALA A 536 -12.74 6.65 -7.21
N ARG A 537 -13.21 7.07 -8.41
CA ARG A 537 -14.23 6.32 -9.13
C ARG A 537 -13.68 4.95 -9.54
N PHE A 538 -12.43 4.91 -10.07
CA PHE A 538 -11.79 3.64 -10.44
C PHE A 538 -11.80 2.66 -9.27
N LEU A 539 -11.26 3.08 -8.10
CA LEU A 539 -11.21 2.26 -6.91
C LEU A 539 -12.56 1.71 -6.55
N LEU A 540 -13.57 2.60 -6.56
CA LEU A 540 -14.98 2.30 -6.28
C LEU A 540 -15.55 1.23 -7.26
N LYS A 541 -15.40 1.43 -8.59
CA LYS A 541 -15.88 0.45 -9.59
C LYS A 541 -15.29 -0.93 -9.31
N ARG A 542 -13.95 -1.02 -9.20
CA ARG A 542 -13.23 -2.28 -9.01
C ARG A 542 -13.61 -3.06 -7.73
N GLY A 543 -13.93 -2.34 -6.68
CA GLY A 543 -14.33 -2.90 -5.39
C GLY A 543 -15.72 -3.51 -5.45
N LEU A 544 -16.63 -2.85 -6.21
CA LEU A 544 -18.01 -3.31 -6.38
C LEU A 544 -18.03 -4.44 -7.39
N ARG A 545 -17.03 -4.52 -8.26
CA ARG A 545 -16.99 -5.54 -9.30
C ARG A 545 -16.41 -6.86 -8.75
N ASN A 546 -15.59 -6.81 -7.68
CA ASN A 546 -14.91 -7.97 -7.11
C ASN A 546 -14.87 -7.90 -5.59
N LYS A 547 -15.40 -8.92 -4.93
CA LYS A 547 -15.43 -9.00 -3.46
C LYS A 547 -14.07 -8.95 -2.74
N ARG A 548 -13.00 -9.54 -3.38
CA ARG A 548 -11.62 -9.58 -2.85
C ARG A 548 -11.01 -8.17 -2.88
N ILE A 549 -11.08 -7.47 -4.05
CA ILE A 549 -10.65 -6.06 -4.17
C ILE A 549 -11.46 -5.25 -3.17
N GLY A 550 -12.76 -5.56 -3.07
CA GLY A 550 -13.68 -4.91 -2.15
C GLY A 550 -13.35 -5.08 -0.68
N HIS A 551 -12.92 -6.29 -0.26
CA HIS A 551 -12.55 -6.62 1.13
C HIS A 551 -11.34 -5.79 1.54
N PHE A 552 -10.31 -5.78 0.68
CA PHE A 552 -9.08 -5.01 0.90
C PHE A 552 -9.29 -3.51 0.82
N LEU A 553 -10.08 -3.04 -0.16
CA LEU A 553 -10.44 -1.63 -0.27
C LEU A 553 -11.00 -1.13 1.08
N PHE A 554 -11.94 -1.85 1.63
CA PHE A 554 -12.57 -1.55 2.91
C PHE A 554 -11.56 -1.35 4.03
N TRP A 555 -10.64 -2.33 4.24
CA TRP A 555 -9.61 -2.23 5.30
C TRP A 555 -8.59 -1.15 5.00
N PHE A 556 -8.15 -1.03 3.72
CA PHE A 556 -7.20 0.02 3.31
C PHE A 556 -7.79 1.38 3.61
N LEU A 557 -9.03 1.64 3.14
CA LEU A 557 -9.75 2.90 3.45
C LEU A 557 -9.99 3.05 4.96
N ARG A 558 -10.55 2.02 5.65
CA ARG A 558 -10.81 2.07 7.10
C ARG A 558 -9.58 2.47 7.91
N SER A 559 -8.41 1.86 7.65
CA SER A 559 -7.11 2.16 8.28
C SER A 559 -6.75 3.67 8.18
N GLU A 560 -7.00 4.29 7.00
CA GLU A 560 -6.70 5.70 6.84
C GLU A 560 -7.69 6.59 7.59
N ILE A 561 -9.00 6.24 7.57
CA ILE A 561 -10.05 6.99 8.25
C ILE A 561 -9.78 7.01 9.75
N ALA A 562 -9.28 5.89 10.28
CA ALA A 562 -8.98 5.71 11.68
C ALA A 562 -7.75 6.47 12.16
N GLN A 563 -6.78 6.79 11.28
CA GLN A 563 -5.56 7.44 11.77
C GLN A 563 -5.06 8.71 11.05
N SER A 564 -5.80 9.18 10.03
CA SER A 564 -5.45 10.37 9.26
C SER A 564 -6.54 11.47 9.39
N ARG A 565 -6.31 12.54 10.19
CA ARG A 565 -7.28 13.64 10.27
C ARG A 565 -7.24 14.48 8.96
N HIS A 566 -6.07 14.48 8.26
CA HIS A 566 -5.87 15.19 6.98
C HIS A 566 -6.65 14.55 5.85
N TYR A 567 -6.90 13.22 5.94
CA TYR A 567 -7.60 12.52 4.87
C TYR A 567 -8.88 11.77 5.22
N GLN A 568 -9.20 11.65 6.51
CA GLN A 568 -10.39 10.94 6.96
C GLN A 568 -11.69 11.27 6.24
N GLN A 569 -11.99 12.56 6.04
CA GLN A 569 -13.22 12.99 5.36
C GLN A 569 -13.29 12.43 3.94
N ARG A 570 -12.25 12.70 3.11
CA ARG A 570 -12.13 12.22 1.72
C ARG A 570 -12.32 10.68 1.58
N PHE A 571 -11.62 9.92 2.45
CA PHE A 571 -11.66 8.47 2.42
C PHE A 571 -13.04 7.95 2.83
N ALA A 572 -13.61 8.50 3.95
CA ALA A 572 -14.97 8.23 4.49
C ALA A 572 -16.07 8.37 3.42
N VAL A 573 -15.91 9.31 2.49
CA VAL A 573 -16.85 9.50 1.39
C VAL A 573 -16.71 8.38 0.37
N ILE A 574 -15.48 7.85 0.18
CA ILE A 574 -15.25 6.73 -0.77
C ILE A 574 -15.72 5.43 -0.12
N LEU A 575 -15.44 5.26 1.20
CA LEU A 575 -15.88 4.06 1.91
C LEU A 575 -17.39 3.96 1.82
N GLU A 576 -18.15 4.99 2.34
CA GLU A 576 -19.63 5.03 2.30
C GLU A 576 -20.17 4.73 0.90
N ALA A 577 -19.52 5.24 -0.16
CA ALA A 577 -19.94 4.93 -1.52
C ALA A 577 -19.77 3.43 -1.81
N TYR A 578 -18.71 2.77 -1.27
CA TYR A 578 -18.46 1.34 -1.48
C TYR A 578 -19.50 0.46 -0.73
N LEU A 579 -19.70 0.76 0.56
CA LEU A 579 -20.59 0.07 1.48
C LEU A 579 -22.09 0.13 1.09
N ARG A 580 -22.46 1.01 0.15
CA ARG A 580 -23.84 1.19 -0.32
C ARG A 580 -24.06 0.46 -1.65
N GLY A 581 -23.10 -0.39 -2.03
CA GLY A 581 -23.18 -1.15 -3.27
C GLY A 581 -22.55 -2.51 -3.23
N CYS A 582 -22.02 -2.93 -2.06
CA CYS A 582 -21.34 -4.24 -1.92
C CYS A 582 -22.27 -5.45 -1.71
N GLY A 583 -23.40 -5.21 -1.06
CA GLY A 583 -24.40 -6.23 -0.75
C GLY A 583 -24.64 -6.28 0.73
N THR A 584 -25.75 -6.91 1.17
CA THR A 584 -26.01 -6.99 2.61
C THR A 584 -25.15 -8.10 3.21
N ALA A 585 -24.80 -9.13 2.39
CA ALA A 585 -23.90 -10.23 2.75
C ALA A 585 -22.52 -9.68 3.17
N MET A 586 -21.97 -8.74 2.33
CA MET A 586 -20.71 -8.03 2.53
C MET A 586 -20.85 -7.13 3.71
N LEU A 587 -21.93 -6.35 3.73
CA LEU A 587 -22.22 -5.46 4.87
C LEU A 587 -22.24 -6.23 6.16
N HIS A 588 -22.87 -7.44 6.16
CA HIS A 588 -22.93 -8.31 7.32
C HIS A 588 -21.57 -8.85 7.68
N ASP A 589 -20.76 -9.27 6.66
CA ASP A 589 -19.39 -9.73 6.85
C ASP A 589 -18.58 -8.63 7.54
N PHE A 590 -18.48 -7.42 6.90
CA PHE A 590 -17.76 -6.27 7.45
C PHE A 590 -18.14 -5.93 8.89
N THR A 591 -19.41 -6.15 9.25
CA THR A 591 -19.99 -5.91 10.57
C THR A 591 -19.35 -6.77 11.64
N GLN A 592 -19.41 -8.13 11.47
CA GLN A 592 -18.78 -9.13 12.36
C GLN A 592 -17.28 -8.80 12.58
N GLN A 593 -16.54 -8.58 11.46
CA GLN A 593 -15.13 -8.24 11.44
C GLN A 593 -14.86 -7.02 12.32
N VAL A 594 -15.55 -5.88 12.07
CA VAL A 594 -15.38 -4.66 12.89
C VAL A 594 -15.63 -4.96 14.37
N GLN A 595 -16.79 -5.60 14.68
CA GLN A 595 -17.19 -6.00 16.04
C GLN A 595 -16.10 -6.78 16.78
N VAL A 596 -15.55 -7.84 16.12
CA VAL A 596 -14.46 -8.66 16.65
C VAL A 596 -13.17 -7.85 16.85
N ILE A 597 -12.67 -7.18 15.77
CA ILE A 597 -11.41 -6.42 15.84
C ILE A 597 -11.43 -5.30 16.87
N GLU A 598 -12.61 -4.65 17.05
CA GLU A 598 -12.78 -3.55 18.03
C GLU A 598 -12.71 -4.05 19.48
N MET A 599 -13.21 -5.28 19.73
CA MET A 599 -13.15 -5.95 21.02
C MET A 599 -11.70 -6.26 21.37
N LEU A 600 -10.97 -6.90 20.40
CA LEU A 600 -9.58 -7.35 20.51
C LEU A 600 -8.58 -6.22 20.68
N GLN A 601 -8.96 -5.00 20.25
CA GLN A 601 -8.14 -3.80 20.40
C GLN A 601 -8.23 -3.30 21.85
N LYS A 602 -9.43 -3.38 22.48
CA LYS A 602 -9.61 -2.98 23.89
C LYS A 602 -8.68 -3.83 24.78
N VAL A 603 -8.74 -5.17 24.57
CA VAL A 603 -7.96 -6.18 25.28
C VAL A 603 -6.46 -5.86 25.22
N THR A 604 -5.95 -5.59 24.00
CA THR A 604 -4.54 -5.27 23.73
C THR A 604 -4.02 -4.10 24.57
N LEU A 605 -4.77 -2.97 24.53
CA LEU A 605 -4.47 -1.71 25.24
C LEU A 605 -4.59 -1.80 26.76
N ASP A 606 -5.60 -2.54 27.29
CA ASP A 606 -5.81 -2.77 28.73
C ASP A 606 -4.63 -3.57 29.32
N ILE A 607 -4.22 -4.64 28.61
CA ILE A 607 -3.09 -5.48 28.97
C ILE A 607 -1.79 -4.68 28.90
N LYS A 608 -1.68 -3.76 27.91
CA LYS A 608 -0.49 -2.92 27.72
C LYS A 608 -0.24 -2.02 28.91
N SER A 609 -1.34 -1.47 29.50
CA SER A 609 -1.38 -0.58 30.68
C SER A 609 -0.59 -1.15 31.87
N LEU A 610 -0.84 -2.43 32.21
CA LEU A 610 -0.19 -3.17 33.29
C LEU A 610 1.19 -3.69 32.83
N SER A 611 2.24 -2.84 32.95
CA SER A 611 3.62 -3.13 32.55
C SER A 611 4.57 -2.09 33.13
N SER A 618 4.25 -11.53 33.33
CA SER A 618 4.14 -11.68 34.78
C SER A 618 2.87 -12.43 35.21
N SER A 619 2.98 -13.27 36.27
CA SER A 619 1.91 -14.11 36.84
C SER A 619 0.53 -13.43 36.97
N GLN A 620 0.51 -12.18 37.47
CA GLN A 620 -0.70 -11.38 37.64
C GLN A 620 -1.40 -11.09 36.29
N VAL A 621 -0.64 -10.59 35.29
CA VAL A 621 -1.14 -10.25 33.95
C VAL A 621 -1.66 -11.48 33.19
N ILE A 622 -0.90 -12.61 33.23
CA ILE A 622 -1.22 -13.89 32.58
C ILE A 622 -2.70 -14.28 32.83
N SER A 623 -3.17 -14.07 34.07
CA SER A 623 -4.55 -14.37 34.49
C SER A 623 -5.59 -13.52 33.76
N GLN A 624 -5.42 -12.17 33.78
CA GLN A 624 -6.29 -11.18 33.15
C GLN A 624 -6.63 -11.48 31.69
N LEU A 625 -5.63 -12.01 30.95
CA LEU A 625 -5.72 -12.43 29.54
C LEU A 625 -6.96 -13.28 29.30
N LYS A 626 -6.97 -14.51 29.90
CA LYS A 626 -8.00 -15.52 29.81
C LYS A 626 -9.30 -15.00 30.42
N GLN A 627 -9.18 -14.26 31.54
CA GLN A 627 -10.30 -13.62 32.24
C GLN A 627 -11.09 -12.71 31.29
N LYS A 628 -10.39 -11.90 30.47
CA LYS A 628 -11.02 -11.00 29.51
C LYS A 628 -11.52 -11.74 28.26
N LEU A 629 -10.70 -12.65 27.72
CA LEU A 629 -11.04 -13.42 26.51
C LEU A 629 -12.27 -14.32 26.68
N GLU A 630 -12.50 -14.83 27.91
CA GLU A 630 -13.64 -15.68 28.24
C GLU A 630 -14.98 -14.95 28.22
N ASN A 631 -14.99 -13.64 28.59
CA ASN A 631 -16.19 -12.80 28.60
C ASN A 631 -16.69 -12.55 27.18
N LEU A 632 -15.75 -12.40 26.22
CA LEU A 632 -16.03 -12.13 24.81
C LEU A 632 -16.67 -13.35 24.15
N GLN A 633 -16.07 -14.53 24.36
CA GLN A 633 -16.54 -15.81 23.81
C GLN A 633 -17.97 -16.21 24.25
N ASN A 634 -18.51 -15.52 25.28
CA ASN A 634 -19.86 -15.75 25.81
C ASN A 634 -21.00 -15.61 24.81
N SER A 635 -21.28 -14.38 24.32
CA SER A 635 -22.38 -14.17 23.37
C SER A 635 -22.22 -12.98 22.42
N GLN A 636 -21.81 -11.79 22.96
CA GLN A 636 -21.63 -10.53 22.23
C GLN A 636 -20.81 -10.69 20.93
N LEU A 637 -19.64 -11.34 21.03
CA LEU A 637 -18.74 -11.66 19.93
C LEU A 637 -19.42 -12.71 19.02
N PRO A 638 -19.48 -12.49 17.67
CA PRO A 638 -20.13 -13.50 16.80
C PRO A 638 -19.37 -14.83 16.79
N GLU A 639 -20.07 -15.91 16.36
CA GLU A 639 -19.55 -17.29 16.31
C GLU A 639 -18.20 -17.31 15.57
N SER A 640 -18.20 -16.75 14.35
CA SER A 640 -17.00 -16.67 13.52
C SER A 640 -16.87 -15.28 12.88
N PHE A 641 -15.83 -15.09 12.05
CA PHE A 641 -15.53 -13.85 11.33
C PHE A 641 -14.45 -14.11 10.29
N ARG A 642 -14.55 -13.42 9.15
CA ARG A 642 -13.59 -13.49 8.04
C ARG A 642 -12.25 -12.92 8.52
N VAL A 643 -11.15 -13.45 8.03
CA VAL A 643 -9.87 -12.93 8.50
C VAL A 643 -9.47 -11.70 7.68
N PRO A 644 -9.35 -10.49 8.32
CA PRO A 644 -9.03 -9.27 7.57
C PRO A 644 -7.83 -9.29 6.62
N TYR A 645 -6.75 -10.06 6.91
CA TYR A 645 -5.60 -10.15 5.98
C TYR A 645 -5.70 -11.32 4.98
N ASP A 646 -6.67 -12.25 5.18
CA ASP A 646 -6.90 -13.45 4.36
C ASP A 646 -8.41 -13.67 4.29
N PRO A 647 -9.11 -13.01 3.33
CA PRO A 647 -10.60 -13.12 3.28
C PRO A 647 -11.19 -14.50 2.99
N GLY A 648 -10.33 -15.43 2.61
CA GLY A 648 -10.75 -16.79 2.31
C GLY A 648 -11.01 -17.60 3.55
N LEU A 649 -10.31 -17.28 4.66
CA LEU A 649 -10.43 -17.95 5.95
C LEU A 649 -11.55 -17.41 6.80
N LYS A 650 -12.20 -18.33 7.54
CA LYS A 650 -13.22 -18.01 8.52
C LYS A 650 -12.66 -18.44 9.87
N ALA A 651 -12.39 -17.46 10.75
CA ALA A 651 -11.85 -17.68 12.08
C ALA A 651 -12.96 -17.83 13.12
N GLY A 652 -13.03 -19.04 13.67
CA GLY A 652 -14.01 -19.38 14.69
C GLY A 652 -13.64 -18.90 16.08
N ALA A 653 -13.94 -19.75 17.06
CA ALA A 653 -13.72 -19.51 18.47
C ALA A 653 -12.22 -19.49 18.83
N LEU A 654 -11.87 -18.80 19.92
CA LEU A 654 -10.51 -18.71 20.43
C LEU A 654 -10.00 -20.02 21.03
N ALA A 655 -8.68 -20.19 21.00
CA ALA A 655 -8.00 -21.33 21.59
C ALA A 655 -7.37 -20.80 22.89
N ILE A 656 -8.21 -20.14 23.76
CA ILE A 656 -7.86 -19.47 25.03
C ILE A 656 -6.54 -19.96 25.64
N GLU A 657 -6.41 -21.30 25.82
CA GLU A 657 -5.23 -21.99 26.33
C GLU A 657 -3.91 -21.46 25.71
N LYS A 658 -3.86 -21.40 24.35
CA LYS A 658 -2.75 -20.98 23.49
C LYS A 658 -2.44 -19.47 23.52
N CYS A 659 -3.47 -18.63 23.65
CA CYS A 659 -3.40 -17.17 23.68
C CYS A 659 -2.55 -16.66 24.85
N LYS A 660 -1.61 -15.74 24.57
CA LYS A 660 -0.61 -15.23 25.52
C LYS A 660 -0.11 -13.81 25.25
N VAL A 661 0.38 -13.12 26.29
CA VAL A 661 0.97 -11.79 26.18
C VAL A 661 2.47 -12.01 26.04
N MET A 662 3.11 -11.34 25.09
CA MET A 662 4.53 -11.56 24.84
C MET A 662 5.50 -10.66 25.57
N ALA A 663 6.71 -11.20 25.80
CA ALA A 663 7.80 -10.54 26.50
C ALA A 663 8.51 -9.51 25.60
N SER A 664 7.92 -8.31 25.51
CA SER A 664 8.45 -7.17 24.73
C SER A 664 7.97 -5.87 25.37
N LYS A 665 8.76 -4.78 25.18
CA LYS A 665 8.53 -3.38 25.58
C LYS A 665 7.04 -3.08 25.32
N LYS A 666 6.62 -3.16 24.03
CA LYS A 666 5.23 -3.06 23.59
C LYS A 666 4.72 -4.44 23.93
N LYS A 667 3.67 -4.58 24.75
CA LYS A 667 3.22 -5.92 25.20
C LYS A 667 2.16 -6.52 24.24
N PRO A 668 2.58 -7.28 23.19
CA PRO A 668 1.58 -7.77 22.23
C PRO A 668 0.87 -9.03 22.66
N LEU A 669 -0.29 -9.24 22.04
CA LEU A 669 -1.15 -10.39 22.23
C LEU A 669 -0.88 -11.41 21.13
N TRP A 670 -0.73 -12.68 21.51
CA TRP A 670 -0.55 -13.82 20.59
C TRP A 670 -1.86 -14.57 20.70
N LEU A 671 -2.75 -14.45 19.71
CA LEU A 671 -4.05 -15.12 19.73
C LEU A 671 -4.12 -16.27 18.76
N GLU A 672 -4.94 -17.29 19.10
CA GLU A 672 -5.14 -18.44 18.27
C GLU A 672 -6.63 -18.70 18.15
N PHE A 673 -7.06 -19.01 16.94
CA PHE A 673 -8.46 -19.23 16.58
C PHE A 673 -8.67 -20.54 15.83
N LYS A 674 -9.78 -21.22 16.11
CA LYS A 674 -10.17 -22.45 15.44
C LYS A 674 -10.68 -22.09 14.02
N CYS A 675 -10.47 -22.96 13.04
CA CYS A 675 -11.03 -22.65 11.74
C CYS A 675 -12.52 -23.02 11.81
N ALA A 676 -13.37 -22.01 11.62
CA ALA A 676 -14.83 -22.14 11.65
C ALA A 676 -15.37 -23.07 10.55
N ASP A 677 -14.58 -23.32 9.51
CA ASP A 677 -15.04 -24.22 8.45
C ASP A 677 -14.75 -25.69 8.83
N PRO A 678 -15.81 -26.53 8.92
CA PRO A 678 -15.58 -27.95 9.22
C PRO A 678 -15.06 -28.72 8.01
N THR A 679 -15.02 -28.12 6.80
CA THR A 679 -14.47 -28.80 5.62
C THR A 679 -12.94 -28.72 5.59
N ALA A 680 -12.34 -27.99 6.55
CA ALA A 680 -10.89 -27.84 6.68
C ALA A 680 -10.21 -29.20 6.84
N LEU A 681 -9.26 -29.48 5.94
CA LEU A 681 -8.47 -30.72 5.89
C LEU A 681 -7.48 -30.85 7.06
N SER A 682 -7.51 -29.90 8.03
CA SER A 682 -6.61 -29.87 9.19
C SER A 682 -7.25 -29.15 10.38
N ASN A 683 -6.72 -29.42 11.59
CA ASN A 683 -7.16 -28.75 12.82
C ASN A 683 -6.20 -27.65 13.29
N GLU A 684 -5.31 -27.19 12.35
CA GLU A 684 -4.34 -26.09 12.50
C GLU A 684 -5.07 -24.79 12.79
N THR A 685 -4.57 -24.00 13.76
CA THR A 685 -5.17 -22.72 14.15
C THR A 685 -4.74 -21.55 13.26
N ILE A 686 -5.49 -20.44 13.41
CA ILE A 686 -5.29 -19.16 12.77
C ILE A 686 -4.67 -18.28 13.85
N GLY A 687 -3.40 -18.04 13.71
CA GLY A 687 -2.63 -17.24 14.65
C GLY A 687 -2.53 -15.81 14.17
N ILE A 688 -2.93 -14.88 15.05
CA ILE A 688 -2.96 -13.44 14.81
C ILE A 688 -2.31 -12.74 16.00
N ILE A 689 -1.43 -11.77 15.74
CA ILE A 689 -0.83 -10.95 16.77
C ILE A 689 -1.58 -9.60 16.75
N PHE A 690 -1.95 -9.07 17.92
CA PHE A 690 -2.60 -7.79 18.07
C PHE A 690 -1.63 -6.89 18.80
N LYS A 691 -1.23 -5.80 18.18
CA LYS A 691 -0.16 -5.01 18.73
C LYS A 691 -0.42 -3.51 18.75
N HIS A 692 0.06 -2.85 19.81
CA HIS A 692 0.04 -1.42 19.95
C HIS A 692 1.47 -0.98 20.17
N GLY A 693 1.91 -0.02 19.37
CA GLY A 693 3.26 0.51 19.49
C GLY A 693 3.92 0.72 18.15
N ASP A 694 4.01 -0.35 17.35
CA ASP A 694 4.57 -0.30 16.00
C ASP A 694 3.59 0.34 15.01
N ASP A 695 4.10 1.17 14.07
CA ASP A 695 3.25 1.74 12.99
C ASP A 695 3.16 0.71 11.86
N LEU A 696 2.04 -0.04 11.86
CA LEU A 696 1.69 -1.12 10.95
C LEU A 696 1.35 -0.66 9.54
N ARG A 697 1.10 0.63 9.39
CA ARG A 697 0.91 1.29 8.12
C ARG A 697 2.22 1.07 7.35
N GLN A 698 3.37 1.43 7.96
CA GLN A 698 4.72 1.29 7.40
C GLN A 698 5.03 -0.16 6.96
N ASP A 699 4.64 -1.15 7.82
CA ASP A 699 4.82 -2.58 7.54
C ASP A 699 4.07 -2.92 6.27
N MET A 700 2.75 -2.61 6.22
CA MET A 700 1.87 -2.87 5.07
C MET A 700 2.50 -2.46 3.75
N LEU A 701 2.96 -1.20 3.66
CA LEU A 701 3.56 -0.61 2.47
C LEU A 701 4.77 -1.43 2.00
N ILE A 702 5.66 -1.86 2.97
CA ILE A 702 6.83 -2.70 2.75
C ILE A 702 6.42 -4.09 2.28
N LEU A 703 5.45 -4.71 3.02
CA LEU A 703 4.93 -6.03 2.66
C LEU A 703 4.44 -6.01 1.22
N GLN A 704 3.63 -4.99 0.85
CA GLN A 704 3.17 -4.89 -0.54
C GLN A 704 4.30 -4.72 -1.56
N ILE A 705 5.44 -4.09 -1.21
CA ILE A 705 6.57 -3.96 -2.13
C ILE A 705 7.28 -5.32 -2.32
N LEU A 706 7.28 -6.17 -1.28
CA LEU A 706 7.85 -7.52 -1.30
C LEU A 706 7.05 -8.38 -2.27
N ARG A 707 5.72 -8.21 -2.29
CA ARG A 707 4.80 -8.91 -3.18
C ARG A 707 5.02 -8.51 -4.63
N ILE A 708 5.27 -7.22 -4.85
CA ILE A 708 5.57 -6.72 -6.19
C ILE A 708 6.94 -7.24 -6.66
N MET A 709 7.95 -7.26 -5.74
CA MET A 709 9.29 -7.78 -6.03
C MET A 709 9.20 -9.30 -6.36
N GLU A 710 8.37 -10.07 -5.61
CA GLU A 710 8.17 -11.49 -5.89
C GLU A 710 7.55 -11.69 -7.26
N SER A 711 6.68 -10.77 -7.68
CA SER A 711 5.99 -10.80 -8.97
C SER A 711 6.93 -10.42 -10.13
N ILE A 712 7.94 -9.54 -9.87
CA ILE A 712 8.98 -9.16 -10.84
C ILE A 712 9.88 -10.41 -11.08
N TRP A 713 10.07 -11.21 -10.03
CA TRP A 713 10.86 -12.42 -10.08
C TRP A 713 10.15 -13.57 -10.80
N GLU A 714 8.83 -13.68 -10.62
CA GLU A 714 7.95 -14.67 -11.25
C GLU A 714 7.99 -14.54 -12.79
N THR A 715 8.07 -13.30 -13.30
CA THR A 715 8.13 -13.03 -14.74
C THR A 715 9.46 -13.50 -15.38
N GLU A 716 10.52 -13.68 -14.56
CA GLU A 716 11.85 -14.11 -14.98
C GLU A 716 12.27 -15.42 -14.30
N SER A 717 11.28 -16.34 -14.17
CA SER A 717 11.37 -17.68 -13.60
C SER A 717 12.18 -17.85 -12.28
N LEU A 718 12.08 -16.85 -11.40
CA LEU A 718 12.74 -16.81 -10.09
C LEU A 718 11.76 -16.86 -8.92
N ASP A 719 11.95 -17.83 -8.01
CA ASP A 719 11.17 -17.95 -6.78
C ASP A 719 12.13 -17.80 -5.60
N LEU A 720 12.17 -16.60 -5.01
CA LEU A 720 13.07 -16.24 -3.92
C LEU A 720 12.50 -16.48 -2.54
N CYS A 721 11.48 -17.36 -2.46
CA CYS A 721 10.80 -17.83 -1.25
C CYS A 721 10.56 -16.78 -0.13
N LEU A 722 10.13 -15.57 -0.50
CA LEU A 722 9.85 -14.56 0.52
C LEU A 722 8.58 -14.93 1.31
N LEU A 723 8.51 -14.52 2.57
CA LEU A 723 7.31 -14.69 3.38
C LEU A 723 6.74 -13.29 3.73
N PRO A 724 6.05 -12.58 2.76
CA PRO A 724 5.49 -11.26 3.12
C PRO A 724 4.16 -11.52 3.85
N TYR A 725 4.24 -11.81 5.18
CA TYR A 725 3.13 -12.12 6.07
C TYR A 725 1.99 -11.06 6.04
N GLY A 726 0.78 -11.50 6.41
CA GLY A 726 -0.40 -10.64 6.45
C GLY A 726 -0.28 -9.60 7.53
N CYS A 727 -0.69 -8.37 7.21
CA CYS A 727 -0.63 -7.25 8.15
C CYS A 727 -1.71 -6.23 7.80
N ILE A 728 -2.59 -5.93 8.76
CA ILE A 728 -3.66 -4.95 8.58
C ILE A 728 -3.60 -3.94 9.74
N SER A 729 -3.24 -2.66 9.47
CA SER A 729 -3.24 -1.60 10.48
C SER A 729 -4.71 -1.23 10.75
N THR A 730 -5.11 -1.16 12.03
CA THR A 730 -6.52 -0.90 12.33
C THR A 730 -6.83 0.52 12.81
N GLY A 731 -5.80 1.18 13.37
CA GLY A 731 -5.80 2.56 13.88
C GLY A 731 -4.39 3.07 14.10
N ASP A 732 -4.22 4.08 14.99
CA ASP A 732 -2.90 4.70 15.26
C ASP A 732 -1.94 3.83 16.06
N LYS A 733 -0.80 3.46 15.43
CA LYS A 733 0.24 2.58 15.99
C LYS A 733 -0.32 1.22 16.48
N ILE A 734 -1.57 0.87 16.06
CA ILE A 734 -2.28 -0.36 16.40
C ILE A 734 -2.76 -1.15 15.14
N GLY A 735 -2.91 -2.47 15.30
CA GLY A 735 -3.40 -3.36 14.28
C GLY A 735 -3.02 -4.82 14.50
N MET A 736 -3.22 -5.63 13.44
CA MET A 736 -2.91 -7.06 13.44
C MET A 736 -1.77 -7.51 12.50
N ILE A 737 -1.20 -8.69 12.83
CA ILE A 737 -0.13 -9.39 12.14
C ILE A 737 -0.50 -10.91 12.02
N GLU A 738 -0.31 -11.51 10.85
CA GLU A 738 -0.52 -12.95 10.62
C GLU A 738 0.68 -13.68 11.29
N ILE A 739 0.42 -14.74 12.11
CA ILE A 739 1.50 -15.52 12.71
C ILE A 739 1.99 -16.53 11.65
N VAL A 740 3.32 -16.53 11.38
CA VAL A 740 3.94 -17.52 10.49
C VAL A 740 4.27 -18.73 11.37
N LYS A 741 3.65 -19.86 11.02
CA LYS A 741 3.73 -21.13 11.75
C LYS A 741 5.10 -21.75 11.71
N ASP A 742 5.46 -22.50 12.78
CA ASP A 742 6.74 -23.23 12.90
C ASP A 742 7.94 -22.29 12.78
N ALA A 743 7.86 -21.08 13.39
CA ALA A 743 8.92 -20.07 13.26
C ALA A 743 9.51 -19.56 14.55
N THR A 744 10.81 -19.32 14.54
CA THR A 744 11.55 -18.74 15.67
C THR A 744 12.34 -17.57 15.13
N THR A 745 12.83 -16.75 16.05
CA THR A 745 13.70 -15.62 15.77
C THR A 745 15.15 -16.13 15.72
N ILE A 746 16.03 -15.43 14.96
CA ILE A 746 17.45 -15.79 14.84
C ILE A 746 18.16 -15.62 16.19
N ALA A 747 17.75 -14.61 16.97
CA ALA A 747 18.29 -14.31 18.30
C ALA A 747 18.02 -15.40 19.34
N LYS A 748 16.76 -15.96 19.37
CA LYS A 748 16.33 -16.99 20.33
C LYS A 748 17.11 -18.29 20.10
N ILE A 749 17.39 -18.62 18.81
CA ILE A 749 18.18 -19.78 18.37
C ILE A 749 19.58 -19.67 19.00
N GLN A 750 20.16 -18.43 18.98
CA GLN A 750 21.43 -18.13 19.60
C GLN A 750 21.27 -18.25 21.11
N GLN A 751 20.27 -17.56 21.72
CA GLN A 751 19.95 -17.59 23.16
C GLN A 751 19.80 -19.03 23.70
N SER A 752 19.45 -19.98 22.80
CA SER A 752 19.29 -21.41 23.10
C SER A 752 20.67 -22.03 23.41
N THR A 753 21.51 -22.17 22.37
CA THR A 753 22.85 -22.76 22.44
C THR A 753 23.95 -21.80 22.92
N VAL A 754 23.56 -20.63 23.43
CA VAL A 754 24.46 -19.61 23.98
C VAL A 754 23.81 -19.14 25.30
N GLY A 755 23.01 -18.07 25.26
CA GLY A 755 22.31 -17.55 26.44
C GLY A 755 22.57 -16.11 26.82
N ASN A 756 21.65 -15.21 26.42
CA ASN A 756 21.58 -13.76 26.71
C ASN A 756 22.92 -12.97 26.66
N THR A 757 23.80 -13.34 25.71
CA THR A 757 25.12 -12.72 25.50
C THR A 757 25.42 -12.51 24.01
N GLY A 758 26.43 -11.68 23.75
CA GLY A 758 26.93 -11.36 22.41
C GLY A 758 27.89 -12.39 21.88
N ALA A 759 28.10 -13.49 22.65
CA ALA A 759 28.97 -14.62 22.30
C ALA A 759 28.31 -15.43 21.17
N PHE A 760 28.27 -14.86 19.97
CA PHE A 760 27.61 -15.51 18.84
C PHE A 760 28.41 -16.61 18.18
N LYS A 761 27.94 -17.86 18.33
CA LYS A 761 28.53 -19.06 17.75
C LYS A 761 28.02 -19.22 16.30
N ASP A 762 28.91 -19.63 15.38
CA ASP A 762 28.63 -19.83 13.94
C ASP A 762 27.91 -21.15 13.65
N GLU A 763 28.14 -22.16 14.51
CA GLU A 763 27.61 -23.52 14.41
C GLU A 763 26.09 -23.65 14.56
N VAL A 764 25.54 -22.81 15.47
CA VAL A 764 24.16 -22.68 15.95
C VAL A 764 22.97 -22.88 14.99
N LEU A 765 22.90 -22.11 13.89
CA LEU A 765 21.80 -22.15 12.91
C LEU A 765 21.61 -23.54 12.31
N ASN A 766 22.63 -24.01 11.52
CA ASN A 766 22.70 -25.32 10.85
C ASN A 766 22.35 -26.46 11.78
N HIS A 767 22.71 -26.33 13.07
CA HIS A 767 22.41 -27.27 14.15
C HIS A 767 20.89 -27.42 14.29
N TRP A 768 20.22 -26.27 14.57
CA TRP A 768 18.78 -26.11 14.73
C TRP A 768 18.04 -26.61 13.50
N LEU A 769 18.60 -26.36 12.30
CA LEU A 769 18.03 -26.82 11.04
C LEU A 769 18.01 -28.34 10.95
N LYS A 770 19.10 -29.02 11.36
CA LYS A 770 19.14 -30.49 11.40
C LYS A 770 18.27 -31.02 12.54
N GLU A 771 18.31 -30.34 13.71
CA GLU A 771 17.51 -30.68 14.90
C GLU A 771 15.99 -30.65 14.61
N LYS A 772 15.56 -29.78 13.67
CA LYS A 772 14.17 -29.62 13.28
C LYS A 772 13.76 -30.29 11.96
N SER A 773 14.72 -30.97 11.27
CA SER A 773 14.46 -31.73 10.03
C SER A 773 14.32 -33.24 10.32
N PRO A 774 13.20 -33.91 9.97
CA PRO A 774 13.08 -35.35 10.25
C PRO A 774 14.02 -36.18 9.37
N THR A 775 13.90 -36.07 8.03
CA THR A 775 14.79 -36.75 7.09
C THR A 775 15.90 -35.77 6.64
N GLU A 776 16.99 -36.29 6.06
CA GLU A 776 18.08 -35.46 5.54
C GLU A 776 17.69 -34.94 4.15
N GLU A 777 16.64 -35.53 3.52
CA GLU A 777 16.10 -35.09 2.23
C GLU A 777 15.39 -33.75 2.50
N LYS A 778 14.72 -33.66 3.68
CA LYS A 778 14.05 -32.47 4.20
C LYS A 778 15.09 -31.43 4.58
N PHE A 779 16.17 -31.85 5.28
CA PHE A 779 17.28 -30.97 5.65
C PHE A 779 17.95 -30.33 4.40
N GLN A 780 18.13 -31.11 3.32
CA GLN A 780 18.75 -30.59 2.10
C GLN A 780 17.84 -29.55 1.49
N ALA A 781 16.50 -29.82 1.47
CA ALA A 781 15.45 -28.92 0.96
C ALA A 781 15.30 -27.66 1.85
N ALA A 782 15.46 -27.82 3.19
CA ALA A 782 15.45 -26.74 4.17
C ALA A 782 16.66 -25.83 3.92
N VAL A 783 17.79 -26.42 3.49
CA VAL A 783 19.01 -25.68 3.18
C VAL A 783 18.79 -24.95 1.84
N GLU A 784 18.12 -25.63 0.88
CA GLU A 784 17.75 -25.12 -0.43
C GLU A 784 16.81 -23.89 -0.28
N ARG A 785 15.87 -23.98 0.69
CA ARG A 785 14.93 -22.91 1.03
C ARG A 785 15.69 -21.76 1.68
N PHE A 786 16.63 -22.10 2.60
CA PHE A 786 17.43 -21.09 3.27
C PHE A 786 18.21 -20.24 2.28
N VAL A 787 18.97 -20.87 1.39
CA VAL A 787 19.80 -20.22 0.34
C VAL A 787 18.94 -19.28 -0.54
N TYR A 788 17.76 -19.76 -0.98
CA TYR A 788 16.87 -18.98 -1.84
C TYR A 788 16.21 -17.81 -1.10
N SER A 789 15.64 -18.09 0.11
CA SER A 789 14.98 -17.07 0.95
C SER A 789 15.95 -16.00 1.41
N CYS A 790 17.17 -16.39 1.75
CA CYS A 790 18.25 -15.50 2.18
C CYS A 790 18.64 -14.51 1.06
N ALA A 791 18.84 -15.01 -0.17
CA ALA A 791 19.18 -14.15 -1.32
C ALA A 791 18.07 -13.09 -1.50
N GLY A 792 16.81 -13.55 -1.56
CA GLY A 792 15.62 -12.72 -1.69
C GLY A 792 15.53 -11.61 -0.66
N TYR A 793 15.67 -11.95 0.65
CA TYR A 793 15.65 -10.90 1.67
C TYR A 793 16.86 -10.05 1.64
N CYS A 794 18.01 -10.58 1.20
CA CYS A 794 19.23 -9.76 1.08
C CYS A 794 19.08 -8.72 0.00
N VAL A 795 18.53 -9.10 -1.16
CA VAL A 795 18.32 -8.19 -2.28
C VAL A 795 17.22 -7.17 -1.94
N ALA A 796 16.02 -7.67 -1.57
CA ALA A 796 14.83 -6.85 -1.27
C ALA A 796 15.15 -5.80 -0.22
N THR A 797 15.71 -6.26 0.90
CA THR A 797 16.14 -5.48 2.06
C THR A 797 17.17 -4.44 1.62
N PHE A 798 18.09 -4.85 0.72
CA PHE A 798 19.14 -3.98 0.23
C PHE A 798 18.53 -2.84 -0.56
N VAL A 799 17.68 -3.17 -1.56
CA VAL A 799 16.97 -2.21 -2.43
C VAL A 799 16.11 -1.24 -1.60
N LEU A 800 15.30 -1.78 -0.68
CA LEU A 800 14.46 -0.98 0.20
C LEU A 800 15.23 -0.20 1.26
N GLY A 801 16.47 -0.61 1.56
CA GLY A 801 17.33 0.08 2.52
C GLY A 801 16.90 -0.09 3.94
N ILE A 802 16.47 -1.29 4.26
CA ILE A 802 16.06 -1.70 5.61
C ILE A 802 16.87 -2.95 5.94
N GLY A 803 18.08 -3.00 5.35
CA GLY A 803 19.06 -4.09 5.45
C GLY A 803 19.79 -4.27 6.78
N ASP A 804 20.16 -3.16 7.40
CA ASP A 804 20.84 -3.18 8.68
C ASP A 804 19.84 -3.50 9.78
N ARG A 805 19.70 -4.79 10.05
CA ARG A 805 18.77 -5.32 11.05
C ARG A 805 19.45 -6.13 12.11
N HIS A 806 18.73 -6.26 13.20
CA HIS A 806 18.94 -6.91 14.48
C HIS A 806 18.35 -8.34 14.34
N ASN A 807 19.04 -9.37 14.88
CA ASN A 807 18.71 -10.81 14.88
C ASN A 807 17.30 -11.10 15.33
N ASP A 808 16.82 -10.34 16.31
CA ASP A 808 15.48 -10.41 16.90
C ASP A 808 14.38 -10.11 15.84
N ASN A 809 14.76 -9.42 14.73
CA ASN A 809 13.85 -9.06 13.65
C ASN A 809 14.03 -9.90 12.38
N ILE A 810 14.81 -10.99 12.50
CA ILE A 810 14.93 -11.94 11.39
C ILE A 810 14.41 -13.25 11.94
N MET A 811 13.49 -13.85 11.20
CA MET A 811 12.87 -15.09 11.58
C MET A 811 13.18 -16.19 10.59
N ILE A 812 13.10 -17.45 11.05
CA ILE A 812 13.28 -18.64 10.24
C ILE A 812 12.23 -19.69 10.63
N THR A 813 11.70 -20.40 9.62
CA THR A 813 10.75 -21.48 9.86
C THR A 813 11.52 -22.81 9.95
N GLU A 814 10.96 -23.77 10.72
CA GLU A 814 11.47 -25.11 10.93
C GLU A 814 11.71 -25.87 9.62
N THR A 815 11.29 -25.26 8.49
CA THR A 815 11.34 -25.73 7.11
C THR A 815 12.35 -24.92 6.26
N GLY A 816 13.23 -24.20 6.94
CA GLY A 816 14.30 -23.44 6.30
C GLY A 816 14.00 -22.05 5.79
N ASN A 817 12.71 -21.69 5.64
CA ASN A 817 12.32 -20.36 5.15
C ASN A 817 12.63 -19.25 6.12
N LEU A 818 13.52 -18.34 5.69
CA LEU A 818 13.95 -17.17 6.43
C LEU A 818 13.05 -15.99 6.00
N PHE A 819 12.73 -15.08 6.95
CA PHE A 819 11.92 -13.86 6.69
C PHE A 819 12.16 -12.78 7.71
N HIS A 820 12.05 -11.50 7.28
CA HIS A 820 12.17 -10.31 8.15
C HIS A 820 10.84 -9.94 8.71
N ILE A 821 10.82 -9.34 9.90
CA ILE A 821 9.62 -8.91 10.62
C ILE A 821 9.82 -7.50 11.18
N ASP A 822 8.73 -6.85 11.63
CA ASP A 822 8.75 -5.52 12.27
C ASP A 822 9.43 -4.42 11.47
N PHE A 823 8.87 -4.07 10.32
CA PHE A 823 9.45 -3.00 9.51
C PHE A 823 9.14 -1.61 10.06
N GLY A 824 8.00 -1.48 10.74
CA GLY A 824 7.57 -0.22 11.35
C GLY A 824 8.26 0.05 12.67
N HIS A 825 9.58 -0.25 12.70
CA HIS A 825 10.46 -0.10 13.86
C HIS A 825 11.74 0.69 13.46
N ILE A 826 12.40 0.31 12.33
CA ILE A 826 13.57 1.04 11.81
C ILE A 826 13.08 2.31 11.11
N LEU A 827 11.91 2.19 10.47
CA LEU A 827 11.22 3.26 9.76
C LEU A 827 10.48 4.15 10.76
N GLY A 828 10.12 3.58 11.91
CA GLY A 828 9.44 4.26 13.01
C GLY A 828 10.29 5.31 13.68
N ASN A 829 11.61 5.01 13.80
CA ASN A 829 12.68 5.87 14.36
C ASN A 829 14.06 5.54 13.75
N TYR A 830 14.43 6.25 12.66
CA TYR A 830 15.69 6.07 11.93
C TYR A 830 16.76 7.09 12.35
N ARG A 840 28.09 -0.10 10.13
CA ARG A 840 26.99 -0.41 9.22
C ARG A 840 27.28 -1.60 8.30
N VAL A 841 26.19 -2.29 7.83
CA VAL A 841 26.18 -3.46 6.94
C VAL A 841 25.11 -3.27 5.83
N PRO A 842 25.27 -3.79 4.58
CA PRO A 842 24.21 -3.58 3.57
C PRO A 842 22.96 -4.40 3.85
N PHE A 843 23.16 -5.62 4.43
CA PHE A 843 22.14 -6.61 4.79
C PHE A 843 22.69 -7.60 5.83
N VAL A 844 21.81 -8.44 6.39
CA VAL A 844 22.22 -9.43 7.37
C VAL A 844 22.57 -10.73 6.65
N LEU A 845 23.88 -11.03 6.58
CA LEU A 845 24.44 -12.24 5.99
C LEU A 845 25.52 -12.71 6.99
N THR A 846 25.07 -13.10 8.19
CA THR A 846 25.90 -13.50 9.31
C THR A 846 26.67 -14.82 9.18
N PRO A 847 27.79 -14.99 9.92
CA PRO A 847 28.53 -16.26 9.85
C PRO A 847 27.68 -17.52 10.07
N ASP A 848 26.60 -17.44 10.87
CA ASP A 848 25.69 -18.57 11.08
C ASP A 848 24.89 -18.87 9.79
N PHE A 849 24.61 -17.84 8.97
CA PHE A 849 23.94 -17.96 7.67
C PHE A 849 24.92 -18.58 6.66
N LEU A 850 26.15 -18.01 6.55
CA LEU A 850 27.22 -18.49 5.67
C LEU A 850 27.64 -19.94 5.99
N PHE A 851 27.62 -20.30 7.31
CA PHE A 851 27.93 -21.64 7.82
C PHE A 851 26.92 -22.69 7.31
N VAL A 852 25.65 -22.28 7.16
CA VAL A 852 24.58 -23.15 6.63
C VAL A 852 24.86 -23.35 5.12
N MET A 853 25.46 -22.34 4.46
CA MET A 853 25.82 -22.34 3.05
C MET A 853 27.11 -23.10 2.75
N GLY A 854 27.79 -23.54 3.82
CA GLY A 854 29.03 -24.30 3.77
C GLY A 854 30.29 -23.46 3.65
N THR A 855 30.40 -22.42 4.51
CA THR A 855 31.54 -21.50 4.49
C THR A 855 31.90 -21.00 5.90
N SER A 856 33.16 -21.18 6.29
CA SER A 856 33.71 -20.68 7.55
C SER A 856 34.85 -19.74 7.16
N GLY A 857 34.72 -18.46 7.51
CA GLY A 857 35.65 -17.42 7.12
C GLY A 857 35.55 -17.17 5.63
N LYS A 858 36.60 -16.57 5.01
CA LYS A 858 36.60 -16.34 3.57
C LYS A 858 36.93 -17.65 2.81
N LYS A 859 35.86 -18.33 2.33
CA LYS A 859 35.88 -19.60 1.60
C LYS A 859 34.69 -19.60 0.59
N THR A 860 34.52 -20.68 -0.20
CA THR A 860 33.44 -20.81 -1.18
C THR A 860 32.97 -22.24 -1.21
N SER A 861 31.69 -22.47 -1.53
CA SER A 861 31.11 -23.82 -1.58
C SER A 861 30.08 -23.94 -2.70
N PRO A 862 29.48 -25.14 -2.98
CA PRO A 862 28.46 -25.21 -4.04
C PRO A 862 27.17 -24.44 -3.73
N HIS A 863 26.92 -24.14 -2.42
CA HIS A 863 25.74 -23.40 -1.94
C HIS A 863 25.99 -21.89 -1.91
N PHE A 864 27.22 -21.46 -1.57
CA PHE A 864 27.55 -20.03 -1.56
C PHE A 864 27.61 -19.42 -2.99
N GLN A 865 28.01 -20.25 -3.97
CA GLN A 865 28.08 -19.89 -5.40
C GLN A 865 26.65 -19.86 -5.92
N LYS A 866 25.81 -20.79 -5.40
CA LYS A 866 24.39 -20.89 -5.72
C LYS A 866 23.78 -19.56 -5.30
N PHE A 867 23.99 -19.19 -4.00
CA PHE A 867 23.56 -17.95 -3.36
C PHE A 867 23.84 -16.72 -4.24
N GLN A 868 25.13 -16.46 -4.53
CA GLN A 868 25.61 -15.32 -5.32
C GLN A 868 25.00 -15.27 -6.69
N ASP A 869 24.76 -16.45 -7.31
CA ASP A 869 24.13 -16.46 -8.62
C ASP A 869 22.66 -16.07 -8.52
N ILE A 870 21.94 -16.55 -7.47
CA ILE A 870 20.53 -16.17 -7.25
C ILE A 870 20.45 -14.66 -6.98
N CYS A 871 21.34 -14.15 -6.10
CA CYS A 871 21.43 -12.74 -5.74
C CYS A 871 21.55 -11.84 -6.94
N VAL A 872 22.51 -12.14 -7.83
CA VAL A 872 22.81 -11.36 -9.04
C VAL A 872 21.67 -11.44 -10.06
N LYS A 873 21.03 -12.62 -10.15
CA LYS A 873 19.88 -12.82 -11.04
C LYS A 873 18.71 -11.96 -10.51
N ALA A 874 18.38 -12.11 -9.20
CA ALA A 874 17.32 -11.39 -8.49
C ALA A 874 17.52 -9.88 -8.57
N TYR A 875 18.75 -9.43 -8.28
CA TYR A 875 19.13 -8.01 -8.30
C TYR A 875 19.04 -7.38 -9.72
N LEU A 876 19.46 -8.13 -10.76
CA LEU A 876 19.38 -7.67 -12.15
C LEU A 876 17.94 -7.74 -12.68
N ALA A 877 17.09 -8.61 -12.08
CA ALA A 877 15.67 -8.72 -12.44
C ALA A 877 14.90 -7.47 -11.93
N LEU A 878 15.28 -6.97 -10.71
CA LEU A 878 14.67 -5.78 -10.09
C LEU A 878 15.11 -4.54 -10.81
N ARG A 879 16.34 -4.57 -11.36
CA ARG A 879 16.93 -3.44 -12.07
C ARG A 879 16.27 -3.14 -13.42
N HIS A 880 15.56 -4.12 -13.99
CA HIS A 880 14.79 -3.94 -15.23
C HIS A 880 13.52 -3.14 -14.94
N HIS A 881 13.14 -3.04 -13.66
CA HIS A 881 11.96 -2.34 -13.20
C HIS A 881 12.35 -1.14 -12.32
N THR A 882 13.45 -0.46 -12.71
CA THR A 882 14.01 0.71 -12.02
C THR A 882 12.94 1.74 -11.72
N ASN A 883 12.32 2.29 -12.78
CA ASN A 883 11.26 3.29 -12.71
C ASN A 883 10.14 2.91 -11.77
N LEU A 884 9.58 1.69 -11.91
CA LEU A 884 8.51 1.16 -11.05
C LEU A 884 8.90 1.19 -9.57
N LEU A 885 10.04 0.57 -9.21
CA LEU A 885 10.49 0.48 -7.83
C LEU A 885 10.82 1.84 -7.23
N ILE A 886 11.36 2.76 -8.05
CA ILE A 886 11.69 4.13 -7.64
C ILE A 886 10.42 4.88 -7.21
N ILE A 887 9.39 4.93 -8.10
CA ILE A 887 8.09 5.57 -7.89
C ILE A 887 7.33 5.03 -6.67
N LEU A 888 7.28 3.70 -6.53
CA LEU A 888 6.63 3.04 -5.42
C LEU A 888 7.29 3.46 -4.15
N PHE A 889 8.62 3.36 -4.08
CA PHE A 889 9.47 3.73 -2.93
C PHE A 889 9.24 5.21 -2.58
N SER A 890 9.20 6.06 -3.61
CA SER A 890 9.01 7.49 -3.47
C SER A 890 7.61 7.79 -2.89
N MET A 891 6.57 7.07 -3.38
CA MET A 891 5.19 7.23 -2.94
C MET A 891 4.97 6.72 -1.53
N MET A 892 5.56 5.57 -1.19
CA MET A 892 5.52 4.99 0.14
C MET A 892 6.14 5.98 1.15
N LEU A 893 7.31 6.58 0.81
CA LEU A 893 7.93 7.56 1.70
C LEU A 893 7.04 8.81 1.95
N MET A 894 6.32 9.28 0.93
CA MET A 894 5.44 10.43 1.01
C MET A 894 4.08 10.18 1.69
N THR A 895 3.42 9.02 1.42
CA THR A 895 2.12 8.68 2.01
C THR A 895 2.15 7.91 3.32
N GLY A 896 3.23 7.20 3.60
CA GLY A 896 3.33 6.37 4.79
C GLY A 896 4.47 6.59 5.75
N MET A 897 5.58 7.21 5.28
CA MET A 897 6.76 7.43 6.12
C MET A 897 6.82 8.81 6.77
N PRO A 898 6.62 8.91 8.11
CA PRO A 898 6.67 10.22 8.77
C PRO A 898 8.10 10.67 9.00
N GLN A 899 8.40 11.93 8.61
CA GLN A 899 9.71 12.59 8.75
C GLN A 899 10.81 11.98 7.86
N LEU A 900 10.71 10.68 7.51
CA LEU A 900 11.69 9.97 6.67
C LEU A 900 11.53 10.39 5.18
N THR A 901 11.51 11.70 4.91
CA THR A 901 11.35 12.21 3.56
C THR A 901 12.54 13.02 3.05
N SER A 902 12.60 14.33 3.38
CA SER A 902 13.67 15.27 2.99
C SER A 902 13.96 15.44 1.47
N LYS A 903 13.67 14.40 0.64
CA LYS A 903 13.92 14.22 -0.81
C LYS A 903 15.19 13.37 -0.98
N GLU A 904 16.12 13.48 -0.01
CA GLU A 904 17.39 12.79 0.07
C GLU A 904 17.24 11.34 0.50
N ASP A 905 16.24 11.03 1.38
CA ASP A 905 15.93 9.67 1.83
C ASP A 905 15.37 8.89 0.65
N ILE A 906 14.60 9.60 -0.20
CA ILE A 906 14.00 9.05 -1.42
C ILE A 906 15.08 8.66 -2.42
N GLU A 907 16.07 9.56 -2.65
CA GLU A 907 17.15 9.31 -3.60
C GLU A 907 18.08 8.13 -3.26
N TYR A 908 17.94 7.54 -2.06
CA TYR A 908 18.71 6.35 -1.62
C TYR A 908 18.57 5.20 -2.65
N ILE A 909 17.31 4.96 -3.14
CA ILE A 909 16.91 3.90 -4.09
C ILE A 909 17.70 3.94 -5.44
N ARG A 910 18.12 5.13 -5.90
CA ARG A 910 18.87 5.33 -7.15
C ARG A 910 20.22 4.62 -7.03
N ASP A 911 20.93 4.88 -5.92
CA ASP A 911 22.21 4.29 -5.54
C ASP A 911 22.05 2.78 -5.43
N ALA A 912 21.11 2.31 -4.57
CA ALA A 912 20.82 0.88 -4.38
C ALA A 912 20.55 0.14 -5.71
N LEU A 913 19.73 0.74 -6.60
CA LEU A 913 19.39 0.16 -7.91
C LEU A 913 20.48 0.37 -8.94
N THR A 914 21.54 1.12 -8.57
CA THR A 914 22.72 1.40 -9.39
C THR A 914 22.34 1.91 -10.77
N VAL A 915 21.51 2.95 -10.75
CA VAL A 915 21.02 3.59 -11.96
C VAL A 915 22.23 4.18 -12.70
N GLY A 916 22.13 4.23 -14.02
CA GLY A 916 23.20 4.73 -14.88
C GLY A 916 24.25 3.69 -15.22
N LYS A 917 24.44 2.67 -14.35
CA LYS A 917 25.41 1.60 -14.55
C LYS A 917 24.93 0.44 -15.42
N ASN A 918 25.88 -0.33 -15.97
CA ASN A 918 25.60 -1.49 -16.82
C ASN A 918 25.54 -2.77 -15.99
N GLU A 919 24.86 -3.81 -16.52
CA GLU A 919 24.66 -5.11 -15.87
C GLU A 919 25.91 -5.71 -15.23
N GLU A 920 27.08 -5.63 -15.93
CA GLU A 920 28.37 -6.17 -15.46
C GLU A 920 28.89 -5.39 -14.27
N ASP A 921 28.74 -4.05 -14.31
CA ASP A 921 29.10 -3.16 -13.22
C ASP A 921 28.16 -3.37 -12.02
N ALA A 922 26.86 -3.63 -12.31
CA ALA A 922 25.78 -3.90 -11.33
C ALA A 922 26.03 -5.22 -10.61
N LYS A 923 26.44 -6.28 -11.37
CA LYS A 923 26.82 -7.61 -10.90
C LYS A 923 28.00 -7.45 -9.92
N LYS A 924 28.97 -6.60 -10.28
CA LYS A 924 30.15 -6.28 -9.49
C LYS A 924 29.74 -5.63 -8.15
N TYR A 925 28.92 -4.57 -8.20
CA TYR A 925 28.44 -3.79 -7.05
C TYR A 925 27.71 -4.63 -6.03
N PHE A 926 26.88 -5.59 -6.46
CA PHE A 926 26.18 -6.44 -5.51
C PHE A 926 27.10 -7.43 -4.79
N LEU A 927 28.14 -7.94 -5.49
CA LEU A 927 29.13 -8.86 -4.92
C LEU A 927 29.98 -8.19 -3.84
N ASP A 928 30.24 -6.88 -3.99
CA ASP A 928 30.97 -6.05 -3.01
C ASP A 928 30.21 -6.08 -1.66
N GLN A 929 28.87 -5.81 -1.72
CA GLN A 929 27.94 -5.79 -0.59
C GLN A 929 27.97 -7.13 0.14
N ILE A 930 27.95 -8.26 -0.64
CA ILE A 930 28.02 -9.63 -0.11
C ILE A 930 29.34 -9.81 0.70
N GLU A 931 30.43 -9.13 0.25
CA GLU A 931 31.77 -9.17 0.87
C GLU A 931 31.95 -8.23 2.07
N VAL A 932 31.20 -7.12 2.13
CA VAL A 932 31.24 -6.20 3.28
C VAL A 932 30.53 -6.89 4.47
N CYS A 933 29.68 -7.90 4.16
CA CYS A 933 28.95 -8.71 5.13
C CYS A 933 29.88 -9.70 5.81
N ARG A 934 30.83 -10.24 5.02
CA ARG A 934 31.86 -11.19 5.46
C ARG A 934 32.96 -10.45 6.21
N ASP A 935 33.25 -9.20 5.80
CA ASP A 935 34.25 -8.35 6.43
C ASP A 935 33.83 -7.94 7.83
N LYS A 936 32.53 -7.62 7.99
CA LYS A 936 31.93 -7.21 9.26
C LYS A 936 31.61 -8.38 10.21
N GLY A 937 31.33 -9.57 9.67
CA GLY A 937 30.98 -10.74 10.46
C GLY A 937 29.92 -10.46 11.51
N TRP A 938 30.30 -10.57 12.80
CA TRP A 938 29.41 -10.34 13.95
C TRP A 938 29.51 -8.92 14.51
N THR A 939 30.33 -8.02 13.92
CA THR A 939 30.49 -6.67 14.45
C THR A 939 29.16 -5.96 14.68
N VAL A 940 28.39 -5.74 13.59
CA VAL A 940 27.12 -5.02 13.64
C VAL A 940 26.09 -5.67 14.54
N GLN A 941 26.02 -7.03 14.51
CA GLN A 941 25.10 -7.77 15.35
C GLN A 941 25.38 -7.58 16.82
N PHE A 942 26.68 -7.65 17.21
CA PHE A 942 27.12 -7.47 18.59
C PHE A 942 26.86 -6.05 19.05
N ASN A 943 27.04 -5.08 18.12
CA ASN A 943 26.76 -3.68 18.39
C ASN A 943 25.27 -3.47 18.57
N TRP A 944 24.44 -4.17 17.75
CA TRP A 944 22.98 -4.13 17.86
C TRP A 944 22.52 -4.68 19.21
N PHE A 945 23.17 -5.77 19.68
CA PHE A 945 22.92 -6.36 20.99
C PHE A 945 23.33 -5.34 22.06
N LEU A 946 24.53 -4.71 21.89
CA LEU A 946 25.07 -3.73 22.83
C LEU A 946 24.09 -2.58 23.01
N HIS A 947 23.62 -2.04 21.86
CA HIS A 947 22.69 -0.94 21.70
C HIS A 947 21.30 -1.30 22.22
N LEU A 948 20.62 -2.26 21.55
CA LEU A 948 19.24 -2.61 21.88
C LEU A 948 19.02 -3.33 23.19
N VAL A 949 19.69 -4.49 23.39
CA VAL A 949 19.57 -5.30 24.59
C VAL A 949 20.15 -4.60 25.83
N LEU A 950 21.27 -3.84 25.67
CA LEU A 950 21.89 -3.18 26.81
C LEU A 950 21.75 -1.64 26.86
N GLY A 951 22.43 -0.92 25.97
CA GLY A 951 22.38 0.54 25.90
C GLY A 951 23.74 1.18 25.95
N1 OAW B . 5.38 -14.66 12.65
C2 OAW B . 5.74 -15.14 13.84
N3 OAW B . 6.07 -14.34 14.83
C4 OAW B . 6.14 -13.01 14.67
C5 OAW B . 5.76 -12.46 13.42
C6 OAW B . 5.39 -13.36 12.39
N7 OAW B . 5.75 -16.51 14.05
C8 OAW B . 6.98 -12.82 16.97
C9 OAW B . 5.02 -12.86 11.03
N10 OAW B . 6.54 -12.18 15.71
C11 OAW B . 6.49 -10.81 15.51
C12 OAW B . 6.05 -10.28 14.19
N13 OAW B . 5.74 -11.13 13.22
O14 OAW B . 6.83 -10.03 16.39
C15 OAW B . 5.96 -8.83 13.87
C16 OAW B . 8.40 -12.46 17.41
C17 OAW B . 5.98 -12.73 18.12
C18 OAW B . 5.77 -8.29 12.63
N19 OAW B . 5.76 -6.96 12.76
N20 OAW B . 5.94 -6.63 14.12
C21 OAW B . 6.05 -7.74 14.79
#